data_1DJD
# 
_entry.id   1DJD 
# 
_audit_conform.dict_name       mmcif_pdbx.dic 
_audit_conform.dict_version    5.392 
_audit_conform.dict_location   http://mmcif.pdb.org/dictionaries/ascii/mmcif_pdbx.dic 
# 
loop_
_database_2.database_id 
_database_2.database_code 
_database_2.pdbx_database_accession 
_database_2.pdbx_DOI 
PDB   1DJD         pdb_00001djd 10.2210/pdb1djd/pdb 
RCSB  RCSB010129   ?            ?                   
WWPDB D_1000010129 ?            ?                   
# 
loop_
_pdbx_audit_revision_history.ordinal 
_pdbx_audit_revision_history.data_content_type 
_pdbx_audit_revision_history.major_revision 
_pdbx_audit_revision_history.minor_revision 
_pdbx_audit_revision_history.revision_date 
1 'Structure model' 1 0 1999-12-16 
2 'Structure model' 1 1 2008-04-27 
3 'Structure model' 1 2 2011-07-13 
4 'Structure model' 1 3 2022-02-16 
5 'Structure model' 1 4 2024-05-22 
# 
_pdbx_audit_revision_details.ordinal             1 
_pdbx_audit_revision_details.revision_ordinal    1 
_pdbx_audit_revision_details.data_content_type   'Structure model' 
_pdbx_audit_revision_details.provider            repository 
_pdbx_audit_revision_details.type                'Initial release' 
_pdbx_audit_revision_details.description         ? 
_pdbx_audit_revision_details.details             ? 
# 
loop_
_pdbx_audit_revision_group.ordinal 
_pdbx_audit_revision_group.revision_ordinal 
_pdbx_audit_revision_group.data_content_type 
_pdbx_audit_revision_group.group 
1 2 'Structure model' 'Version format compliance' 
2 3 'Structure model' 'Version format compliance' 
3 4 'Structure model' 'Data collection'           
4 4 'Structure model' 'Database references'       
5 4 'Structure model' 'Derived calculations'      
6 5 'Structure model' 'Data collection'           
# 
loop_
_pdbx_audit_revision_category.ordinal 
_pdbx_audit_revision_category.revision_ordinal 
_pdbx_audit_revision_category.data_content_type 
_pdbx_audit_revision_category.category 
1 4 'Structure model' database_2            
2 4 'Structure model' pdbx_nmr_software     
3 4 'Structure model' pdbx_struct_assembly  
4 4 'Structure model' pdbx_struct_oper_list 
5 4 'Structure model' struct_conn           
6 4 'Structure model' struct_site           
7 5 'Structure model' chem_comp_atom        
8 5 'Structure model' chem_comp_bond        
# 
loop_
_pdbx_audit_revision_item.ordinal 
_pdbx_audit_revision_item.revision_ordinal 
_pdbx_audit_revision_item.data_content_type 
_pdbx_audit_revision_item.item 
1  4 'Structure model' '_database_2.pdbx_DOI'                
2  4 'Structure model' '_database_2.pdbx_database_accession' 
3  4 'Structure model' '_pdbx_nmr_software.name'             
4  4 'Structure model' '_struct_conn.pdbx_leaving_atom_flag' 
5  4 'Structure model' '_struct_conn.ptnr1_auth_comp_id'     
6  4 'Structure model' '_struct_conn.ptnr1_auth_seq_id'      
7  4 'Structure model' '_struct_conn.ptnr1_label_asym_id'    
8  4 'Structure model' '_struct_conn.ptnr1_label_atom_id'    
9  4 'Structure model' '_struct_conn.ptnr1_label_comp_id'    
10 4 'Structure model' '_struct_conn.ptnr1_label_seq_id'     
11 4 'Structure model' '_struct_conn.ptnr2_auth_comp_id'     
12 4 'Structure model' '_struct_conn.ptnr2_auth_seq_id'      
13 4 'Structure model' '_struct_conn.ptnr2_label_asym_id'    
14 4 'Structure model' '_struct_conn.ptnr2_label_atom_id'    
15 4 'Structure model' '_struct_conn.ptnr2_label_comp_id'    
16 4 'Structure model' '_struct_conn.ptnr2_label_seq_id'     
17 4 'Structure model' '_struct_site.pdbx_auth_asym_id'      
18 4 'Structure model' '_struct_site.pdbx_auth_comp_id'      
19 4 'Structure model' '_struct_site.pdbx_auth_seq_id'       
# 
_pdbx_database_status.status_code                     REL 
_pdbx_database_status.entry_id                        1DJD 
_pdbx_database_status.recvd_initial_deposition_date   1999-12-02 
_pdbx_database_status.deposit_site                    RCSB 
_pdbx_database_status.process_site                    RCSB 
_pdbx_database_status.status_code_mr                  REL 
_pdbx_database_status.SG_entry                        . 
_pdbx_database_status.pdb_format_compatible           Y 
_pdbx_database_status.status_code_sf                  ? 
_pdbx_database_status.status_code_cs                  ? 
_pdbx_database_status.status_code_nmr_data            ? 
_pdbx_database_status.methods_development_category    ? 
# 
loop_
_audit_author.name 
_audit_author.pdbx_ordinal 
'Li, Z.'       1 
'Kim, H.Y.'    2 
'Tamura, P.J.' 3 
'Harris, C.M.' 4 
'Harris, T.M.' 5 
'Stone, M.P.'  6 
# 
_citation.id                        primary 
_citation.title                     
;Role of a polycyclic aromatic hydrocarbon bay region ring in modulating DNA adduct structure: the non-bay region (8S,9R,10S, 11R)-N(6)-[11-(8,9,10,11-tetrahydro-8,9, 10-trihydroxybenz[a]anthracenyl)]-2' -deoxyadenosyl adduct in codon 61 of the human N-ras protooncogene
;
_citation.journal_abbrev            Biochemistry 
_citation.journal_volume            38 
_citation.page_first                14820 
_citation.page_last                 14832 
_citation.year                      1999 
_citation.journal_id_ASTM           BICHAW 
_citation.country                   US 
_citation.journal_id_ISSN           0006-2960 
_citation.journal_id_CSD            0033 
_citation.book_publisher            ? 
_citation.pdbx_database_id_PubMed   10555964 
_citation.pdbx_database_id_DOI      10.1021/bi991607z 
# 
loop_
_citation_author.citation_id 
_citation_author.name 
_citation_author.ordinal 
_citation_author.identifier_ORCID 
primary 'Li, Z.'       1 ? 
primary 'Kim, H.Y.'    2 ? 
primary 'Tamura, P.J.' 3 ? 
primary 'Harris, C.M.' 4 ? 
primary 'Harris, T.M.' 5 ? 
primary 'Stone, M.P.'  6 ? 
# 
loop_
_entity.id 
_entity.type 
_entity.src_method 
_entity.pdbx_description 
_entity.formula_weight 
_entity.pdbx_number_of_molecules 
_entity.pdbx_ec 
_entity.pdbx_mutation 
_entity.pdbx_fragment 
_entity.details 
1 polymer     syn "DNA(5'-D(*CT*GT*GT*AT*CT*AT*AT*GT*AT*AT*G)-3')"       3416.263 1 ? ? ? ? 
2 polymer     syn "DNA(5'-D(*CT*TT*TT*CT*TT*TT*GT*TT*CT*CT*G)-3')"       3291.145 1 ? ? ? ? 
3 non-polymer syn '8,9,10,11-TETRAHYDRO-BENZO[A]ANTHRACENE-8,9,10-TRIOL' 280.318  1 ? ? ? ? 
# 
loop_
_entity_poly.entity_id 
_entity_poly.type 
_entity_poly.nstd_linkage 
_entity_poly.nstd_monomer 
_entity_poly.pdbx_seq_one_letter_code 
_entity_poly.pdbx_seq_one_letter_code_can 
_entity_poly.pdbx_strand_id 
_entity_poly.pdbx_target_identifier 
1 polydeoxyribonucleotide no no '(DC)(DG)(DG)(DA)(DC)(DA)(DA)(DG)(DA)(DA)(DG)' CGGACAAGAAG A ? 
2 polydeoxyribonucleotide no no '(DC)(DT)(DT)(DC)(DT)(DT)(DG)(DT)(DC)(DC)(DG)' CTTCTTGTCCG B ? 
# 
_pdbx_entity_nonpoly.entity_id   3 
_pdbx_entity_nonpoly.name        '8,9,10,11-TETRAHYDRO-BENZO[A]ANTHRACENE-8,9,10-TRIOL' 
_pdbx_entity_nonpoly.comp_id     TBT 
# 
loop_
_entity_poly_seq.entity_id 
_entity_poly_seq.num 
_entity_poly_seq.mon_id 
_entity_poly_seq.hetero 
1 1  DC n 
1 2  DG n 
1 3  DG n 
1 4  DA n 
1 5  DC n 
1 6  DA n 
1 7  DA n 
1 8  DG n 
1 9  DA n 
1 10 DA n 
1 11 DG n 
2 1  DC n 
2 2  DT n 
2 3  DT n 
2 4  DC n 
2 5  DT n 
2 6  DT n 
2 7  DG n 
2 8  DT n 
2 9  DC n 
2 10 DC n 
2 11 DG n 
# 
_pdbx_entity_src_syn.entity_id              1 
_pdbx_entity_src_syn.pdbx_src_id            1 
_pdbx_entity_src_syn.pdbx_alt_source_flag   sample 
_pdbx_entity_src_syn.pdbx_beg_seq_num       ? 
_pdbx_entity_src_syn.pdbx_end_seq_num       ? 
_pdbx_entity_src_syn.organism_scientific    ? 
_pdbx_entity_src_syn.organism_common_name   ? 
_pdbx_entity_src_syn.ncbi_taxonomy_id       ? 
_pdbx_entity_src_syn.details                'Sequence Observed In human N-ras codon 61' 
# 
loop_
_chem_comp.id 
_chem_comp.type 
_chem_comp.mon_nstd_flag 
_chem_comp.name 
_chem_comp.pdbx_synonyms 
_chem_comp.formula 
_chem_comp.formula_weight 
DA  'DNA linking' y "2'-DEOXYADENOSINE-5'-MONOPHOSPHATE"                   ? 'C10 H14 N5 O6 P' 331.222 
DC  'DNA linking' y "2'-DEOXYCYTIDINE-5'-MONOPHOSPHATE"                    ? 'C9 H14 N3 O7 P'  307.197 
DG  'DNA linking' y "2'-DEOXYGUANOSINE-5'-MONOPHOSPHATE"                   ? 'C10 H14 N5 O7 P' 347.221 
DT  'DNA linking' y "THYMIDINE-5'-MONOPHOSPHATE"                           ? 'C10 H15 N2 O8 P' 322.208 
TBT non-polymer   . '8,9,10,11-TETRAHYDRO-BENZO[A]ANTHRACENE-8,9,10-TRIOL' ? 'C18 H16 O3'      280.318 
# 
loop_
_pdbx_poly_seq_scheme.asym_id 
_pdbx_poly_seq_scheme.entity_id 
_pdbx_poly_seq_scheme.seq_id 
_pdbx_poly_seq_scheme.mon_id 
_pdbx_poly_seq_scheme.ndb_seq_num 
_pdbx_poly_seq_scheme.pdb_seq_num 
_pdbx_poly_seq_scheme.auth_seq_num 
_pdbx_poly_seq_scheme.pdb_mon_id 
_pdbx_poly_seq_scheme.auth_mon_id 
_pdbx_poly_seq_scheme.pdb_strand_id 
_pdbx_poly_seq_scheme.pdb_ins_code 
_pdbx_poly_seq_scheme.hetero 
A 1 1  DC 1  1  1  DC C   A . n 
A 1 2  DG 2  2  2  DG G   A . n 
A 1 3  DG 3  3  3  DG G   A . n 
A 1 4  DA 4  4  4  DA A   A . n 
A 1 5  DC 5  5  5  DC C   A . n 
A 1 6  DA 6  6  6  DA ABA A . n 
A 1 7  DA 7  7  7  DA A   A . n 
A 1 8  DG 8  8  8  DG G   A . n 
A 1 9  DA 9  9  9  DA A   A . n 
A 1 10 DA 10 10 10 DA A   A . n 
A 1 11 DG 11 11 11 DG G   A . n 
B 2 1  DC 1  12 12 DC C   B . n 
B 2 2  DT 2  13 13 DT T   B . n 
B 2 3  DT 3  14 14 DT T   B . n 
B 2 4  DC 4  15 15 DC C   B . n 
B 2 5  DT 5  16 16 DT T   B . n 
B 2 6  DT 6  17 17 DT T   B . n 
B 2 7  DG 7  18 18 DG G   B . n 
B 2 8  DT 8  19 19 DT T   B . n 
B 2 9  DC 9  20 20 DC C   B . n 
B 2 10 DC 10 21 21 DC C   B . n 
B 2 11 DG 11 22 22 DG G   B . n 
# 
_pdbx_nonpoly_scheme.asym_id         C 
_pdbx_nonpoly_scheme.entity_id       3 
_pdbx_nonpoly_scheme.mon_id          TBT 
_pdbx_nonpoly_scheme.ndb_seq_num     1 
_pdbx_nonpoly_scheme.pdb_seq_num     25 
_pdbx_nonpoly_scheme.auth_seq_num    6 
_pdbx_nonpoly_scheme.pdb_mon_id      TBT 
_pdbx_nonpoly_scheme.auth_mon_id     ABA 
_pdbx_nonpoly_scheme.pdb_strand_id   A 
_pdbx_nonpoly_scheme.pdb_ins_code    . 
# 
_cell.entry_id           1DJD 
_cell.length_a           1.000 
_cell.length_b           1.000 
_cell.length_c           1.000 
_cell.angle_alpha        90.00 
_cell.angle_beta         90.00 
_cell.angle_gamma        90.00 
_cell.Z_PDB              1 
_cell.pdbx_unique_axis   ? 
# 
_symmetry.entry_id                         1DJD 
_symmetry.space_group_name_H-M             'P 1' 
_symmetry.pdbx_full_space_group_name_H-M   ? 
_symmetry.cell_setting                     ? 
_symmetry.Int_Tables_number                1 
# 
_exptl.entry_id          1DJD 
_exptl.method            'SOLUTION NMR' 
_exptl.crystals_number   ? 
# 
_struct.entry_id                  1DJD 
_struct.title                     
;THE SOLUTION STRUCTURE OF A NON-BAY REGION 11R-BENZ[A]ANTHRACENE OXIDE ADDUCT AT THE N6 POSITION OF ADENINE OF AN OLIGODEOXYNUCLEOTIDE CONTAINING THE HUMAN N-RAS CODON 61 SEQUENCE
;
_struct.pdbx_model_details        ? 
_struct.pdbx_CASP_flag            ? 
_struct.pdbx_model_type_details   ? 
# 
_struct_keywords.entry_id        1DJD 
_struct_keywords.pdbx_keywords   DNA 
_struct_keywords.text            'BENZ[A]ANTHRACENE-DNA DUPLEX, DNA' 
# 
loop_
_struct_asym.id 
_struct_asym.pdbx_blank_PDB_chainid_flag 
_struct_asym.pdbx_modified 
_struct_asym.entity_id 
_struct_asym.details 
A N N 1 ? 
B N N 2 ? 
C N N 3 ? 
# 
loop_
_struct_ref.id 
_struct_ref.entity_id 
_struct_ref.db_name 
_struct_ref.db_code 
_struct_ref.pdbx_db_accession 
_struct_ref.pdbx_db_isoform 
_struct_ref.pdbx_seq_one_letter_code 
_struct_ref.pdbx_align_begin 
1 1 PDB 1DJD 1DJD ? ? ? 
2 2 PDB 1DJD 1DJD ? ? ? 
# 
loop_
_struct_ref_seq.align_id 
_struct_ref_seq.ref_id 
_struct_ref_seq.pdbx_PDB_id_code 
_struct_ref_seq.pdbx_strand_id 
_struct_ref_seq.seq_align_beg 
_struct_ref_seq.pdbx_seq_align_beg_ins_code 
_struct_ref_seq.seq_align_end 
_struct_ref_seq.pdbx_seq_align_end_ins_code 
_struct_ref_seq.pdbx_db_accession 
_struct_ref_seq.db_align_beg 
_struct_ref_seq.pdbx_db_align_beg_ins_code 
_struct_ref_seq.db_align_end 
_struct_ref_seq.pdbx_db_align_end_ins_code 
_struct_ref_seq.pdbx_auth_seq_align_beg 
_struct_ref_seq.pdbx_auth_seq_align_end 
1 1 1DJD A 1 ? 11 ? 1DJD 1  ? 11 ? 1  11 
2 2 1DJD B 1 ? 11 ? 1DJD 12 ? 22 ? 12 22 
# 
_pdbx_struct_assembly.id                   1 
_pdbx_struct_assembly.details              author_defined_assembly 
_pdbx_struct_assembly.method_details       ? 
_pdbx_struct_assembly.oligomeric_details   dimeric 
_pdbx_struct_assembly.oligomeric_count     2 
# 
_pdbx_struct_assembly_gen.assembly_id       1 
_pdbx_struct_assembly_gen.oper_expression   1 
_pdbx_struct_assembly_gen.asym_id_list      A,B,C 
# 
_pdbx_struct_oper_list.id                   1 
_pdbx_struct_oper_list.type                 'identity operation' 
_pdbx_struct_oper_list.name                 1_555 
_pdbx_struct_oper_list.symmetry_operation   x,y,z 
_pdbx_struct_oper_list.matrix[1][1]         1.0000000000 
_pdbx_struct_oper_list.matrix[1][2]         0.0000000000 
_pdbx_struct_oper_list.matrix[1][3]         0.0000000000 
_pdbx_struct_oper_list.vector[1]            0.0000000000 
_pdbx_struct_oper_list.matrix[2][1]         0.0000000000 
_pdbx_struct_oper_list.matrix[2][2]         1.0000000000 
_pdbx_struct_oper_list.matrix[2][3]         0.0000000000 
_pdbx_struct_oper_list.vector[2]            0.0000000000 
_pdbx_struct_oper_list.matrix[3][1]         0.0000000000 
_pdbx_struct_oper_list.matrix[3][2]         0.0000000000 
_pdbx_struct_oper_list.matrix[3][3]         1.0000000000 
_pdbx_struct_oper_list.vector[3]            0.0000000000 
# 
_struct_biol.id   1 
# 
loop_
_struct_conn.id 
_struct_conn.conn_type_id 
_struct_conn.pdbx_leaving_atom_flag 
_struct_conn.pdbx_PDB_id 
_struct_conn.ptnr1_label_asym_id 
_struct_conn.ptnr1_label_comp_id 
_struct_conn.ptnr1_label_seq_id 
_struct_conn.ptnr1_label_atom_id 
_struct_conn.pdbx_ptnr1_label_alt_id 
_struct_conn.pdbx_ptnr1_PDB_ins_code 
_struct_conn.pdbx_ptnr1_standard_comp_id 
_struct_conn.ptnr1_symmetry 
_struct_conn.ptnr2_label_asym_id 
_struct_conn.ptnr2_label_comp_id 
_struct_conn.ptnr2_label_seq_id 
_struct_conn.ptnr2_label_atom_id 
_struct_conn.pdbx_ptnr2_label_alt_id 
_struct_conn.pdbx_ptnr2_PDB_ins_code 
_struct_conn.ptnr1_auth_asym_id 
_struct_conn.ptnr1_auth_comp_id 
_struct_conn.ptnr1_auth_seq_id 
_struct_conn.ptnr2_auth_asym_id 
_struct_conn.ptnr2_auth_comp_id 
_struct_conn.ptnr2_auth_seq_id 
_struct_conn.ptnr2_symmetry 
_struct_conn.pdbx_ptnr3_label_atom_id 
_struct_conn.pdbx_ptnr3_label_seq_id 
_struct_conn.pdbx_ptnr3_label_comp_id 
_struct_conn.pdbx_ptnr3_label_asym_id 
_struct_conn.pdbx_ptnr3_label_alt_id 
_struct_conn.pdbx_ptnr3_PDB_ins_code 
_struct_conn.details 
_struct_conn.pdbx_dist_value 
_struct_conn.pdbx_value_order 
_struct_conn.pdbx_role 
covale1  covale none ? A DA 6  N6 ? ? ? 1_555 C TBT .  C4C ? ? A DA 6  A TBT 25 1_555 ? ? ? ? ? ? ?            1.343 ? ? 
hydrog1  hydrog ?    ? A DC 1  N3 ? ? ? 1_555 B DG  11 N1  ? ? A DC 1  B DG  22 1_555 ? ? ? ? ? ? WATSON-CRICK ?     ? ? 
hydrog2  hydrog ?    ? A DC 1  N4 ? ? ? 1_555 B DG  11 O6  ? ? A DC 1  B DG  22 1_555 ? ? ? ? ? ? WATSON-CRICK ?     ? ? 
hydrog3  hydrog ?    ? A DC 1  O2 ? ? ? 1_555 B DG  11 N2  ? ? A DC 1  B DG  22 1_555 ? ? ? ? ? ? WATSON-CRICK ?     ? ? 
hydrog4  hydrog ?    ? A DG 2  N1 ? ? ? 1_555 B DC  10 N3  ? ? A DG 2  B DC  21 1_555 ? ? ? ? ? ? WATSON-CRICK ?     ? ? 
hydrog5  hydrog ?    ? A DG 2  N2 ? ? ? 1_555 B DC  10 O2  ? ? A DG 2  B DC  21 1_555 ? ? ? ? ? ? WATSON-CRICK ?     ? ? 
hydrog6  hydrog ?    ? A DG 2  O6 ? ? ? 1_555 B DC  10 N4  ? ? A DG 2  B DC  21 1_555 ? ? ? ? ? ? WATSON-CRICK ?     ? ? 
hydrog7  hydrog ?    ? A DG 3  N1 ? ? ? 1_555 B DC  9  N3  ? ? A DG 3  B DC  20 1_555 ? ? ? ? ? ? WATSON-CRICK ?     ? ? 
hydrog8  hydrog ?    ? A DG 3  N2 ? ? ? 1_555 B DC  9  O2  ? ? A DG 3  B DC  20 1_555 ? ? ? ? ? ? WATSON-CRICK ?     ? ? 
hydrog9  hydrog ?    ? A DG 3  O6 ? ? ? 1_555 B DC  9  N4  ? ? A DG 3  B DC  20 1_555 ? ? ? ? ? ? WATSON-CRICK ?     ? ? 
hydrog10 hydrog ?    ? A DA 4  N1 ? ? ? 1_555 B DT  8  N3  ? ? A DA 4  B DT  19 1_555 ? ? ? ? ? ? WATSON-CRICK ?     ? ? 
hydrog11 hydrog ?    ? A DA 4  N6 ? ? ? 1_555 B DT  8  O4  ? ? A DA 4  B DT  19 1_555 ? ? ? ? ? ? WATSON-CRICK ?     ? ? 
hydrog12 hydrog ?    ? A DC 5  N3 ? ? ? 1_555 B DG  7  N1  ? ? A DC 5  B DG  18 1_555 ? ? ? ? ? ? WATSON-CRICK ?     ? ? 
hydrog13 hydrog ?    ? A DC 5  N4 ? ? ? 1_555 B DG  7  O6  ? ? A DC 5  B DG  18 1_555 ? ? ? ? ? ? WATSON-CRICK ?     ? ? 
hydrog14 hydrog ?    ? A DC 5  O2 ? ? ? 1_555 B DG  7  N2  ? ? A DC 5  B DG  18 1_555 ? ? ? ? ? ? WATSON-CRICK ?     ? ? 
hydrog15 hydrog ?    ? A DA 6  N6 ? ? ? 1_555 B DT  6  O4  ? ? A DA 6  B DT  17 1_555 ? ? ? ? ? ? 'DA-DT PAIR' ?     ? ? 
hydrog16 hydrog ?    ? A DA 7  N1 ? ? ? 1_555 B DT  5  N3  ? ? A DA 7  B DT  16 1_555 ? ? ? ? ? ? WATSON-CRICK ?     ? ? 
hydrog17 hydrog ?    ? A DA 7  N6 ? ? ? 1_555 B DT  5  O4  ? ? A DA 7  B DT  16 1_555 ? ? ? ? ? ? WATSON-CRICK ?     ? ? 
hydrog18 hydrog ?    ? A DG 8  N1 ? ? ? 1_555 B DC  4  N3  ? ? A DG 8  B DC  15 1_555 ? ? ? ? ? ? WATSON-CRICK ?     ? ? 
hydrog19 hydrog ?    ? A DG 8  N2 ? ? ? 1_555 B DC  4  O2  ? ? A DG 8  B DC  15 1_555 ? ? ? ? ? ? WATSON-CRICK ?     ? ? 
hydrog20 hydrog ?    ? A DG 8  O6 ? ? ? 1_555 B DC  4  N4  ? ? A DG 8  B DC  15 1_555 ? ? ? ? ? ? WATSON-CRICK ?     ? ? 
hydrog21 hydrog ?    ? A DA 9  N1 ? ? ? 1_555 B DT  3  N3  ? ? A DA 9  B DT  14 1_555 ? ? ? ? ? ? WATSON-CRICK ?     ? ? 
hydrog22 hydrog ?    ? A DA 9  N6 ? ? ? 1_555 B DT  3  O4  ? ? A DA 9  B DT  14 1_555 ? ? ? ? ? ? WATSON-CRICK ?     ? ? 
hydrog23 hydrog ?    ? A DA 10 N1 ? ? ? 1_555 B DT  2  N3  ? ? A DA 10 B DT  13 1_555 ? ? ? ? ? ? WATSON-CRICK ?     ? ? 
hydrog24 hydrog ?    ? A DA 10 N6 ? ? ? 1_555 B DT  2  O4  ? ? A DA 10 B DT  13 1_555 ? ? ? ? ? ? WATSON-CRICK ?     ? ? 
hydrog25 hydrog ?    ? A DG 11 N1 ? ? ? 1_555 B DC  1  N3  ? ? A DG 11 B DC  12 1_555 ? ? ? ? ? ? WATSON-CRICK ?     ? ? 
hydrog26 hydrog ?    ? A DG 11 N2 ? ? ? 1_555 B DC  1  O2  ? ? A DG 11 B DC  12 1_555 ? ? ? ? ? ? WATSON-CRICK ?     ? ? 
hydrog27 hydrog ?    ? A DG 11 O6 ? ? ? 1_555 B DC  1  N4  ? ? A DG 11 B DC  12 1_555 ? ? ? ? ? ? WATSON-CRICK ?     ? ? 
# 
loop_
_struct_conn_type.id 
_struct_conn_type.criteria 
_struct_conn_type.reference 
covale ? ? 
hydrog ? ? 
# 
_struct_site.id                   AC1 
_struct_site.pdbx_evidence_code   Software 
_struct_site.pdbx_auth_asym_id    A 
_struct_site.pdbx_auth_comp_id    TBT 
_struct_site.pdbx_auth_seq_id     25 
_struct_site.pdbx_auth_ins_code   ? 
_struct_site.pdbx_num_residues    5 
_struct_site.details              'BINDING SITE FOR RESIDUE TBT A 25' 
# 
loop_
_struct_site_gen.id 
_struct_site_gen.site_id 
_struct_site_gen.pdbx_num_res 
_struct_site_gen.label_comp_id 
_struct_site_gen.label_asym_id 
_struct_site_gen.label_seq_id 
_struct_site_gen.pdbx_auth_ins_code 
_struct_site_gen.auth_comp_id 
_struct_site_gen.auth_asym_id 
_struct_site_gen.auth_seq_id 
_struct_site_gen.label_atom_id 
_struct_site_gen.label_alt_id 
_struct_site_gen.symmetry 
_struct_site_gen.details 
1 AC1 5 DA A 6 ? DA A 6  . ? 1_555 ? 
2 AC1 5 DA A 7 ? DA A 7  . ? 1_555 ? 
3 AC1 5 DT B 5 ? DT B 16 . ? 1_555 ? 
4 AC1 5 DT B 6 ? DT B 17 . ? 1_555 ? 
5 AC1 5 DG B 7 ? DG B 18 . ? 1_555 ? 
# 
loop_
_pdbx_validate_rmsd_angle.id 
_pdbx_validate_rmsd_angle.PDB_model_num 
_pdbx_validate_rmsd_angle.auth_atom_id_1 
_pdbx_validate_rmsd_angle.auth_asym_id_1 
_pdbx_validate_rmsd_angle.auth_comp_id_1 
_pdbx_validate_rmsd_angle.auth_seq_id_1 
_pdbx_validate_rmsd_angle.PDB_ins_code_1 
_pdbx_validate_rmsd_angle.label_alt_id_1 
_pdbx_validate_rmsd_angle.auth_atom_id_2 
_pdbx_validate_rmsd_angle.auth_asym_id_2 
_pdbx_validate_rmsd_angle.auth_comp_id_2 
_pdbx_validate_rmsd_angle.auth_seq_id_2 
_pdbx_validate_rmsd_angle.PDB_ins_code_2 
_pdbx_validate_rmsd_angle.label_alt_id_2 
_pdbx_validate_rmsd_angle.auth_atom_id_3 
_pdbx_validate_rmsd_angle.auth_asym_id_3 
_pdbx_validate_rmsd_angle.auth_comp_id_3 
_pdbx_validate_rmsd_angle.auth_seq_id_3 
_pdbx_validate_rmsd_angle.PDB_ins_code_3 
_pdbx_validate_rmsd_angle.label_alt_id_3 
_pdbx_validate_rmsd_angle.angle_value 
_pdbx_validate_rmsd_angle.angle_target_value 
_pdbx_validate_rmsd_angle.angle_deviation 
_pdbx_validate_rmsd_angle.angle_standard_deviation 
_pdbx_validate_rmsd_angle.linker_flag 
1  1 "O4'" A DC 1  ? ? "C1'" A DC 1  ? ? N1 A DC 1  ? ? 111.63 108.30 3.33  0.30 N 
2  1 "O4'" A DG 2  ? ? "C1'" A DG 2  ? ? N9 A DG 2  ? ? 111.27 108.30 2.97  0.30 N 
3  1 N7    A DG 2  ? ? C8    A DG 2  ? ? N9 A DG 2  ? ? 117.59 113.10 4.49  0.50 N 
4  1 C8    A DG 2  ? ? N9    A DG 2  ? ? C4 A DG 2  ? ? 103.63 106.40 -2.77 0.40 N 
5  1 "O4'" A DG 3  ? ? "C1'" A DG 3  ? ? N9 A DG 3  ? ? 110.77 108.30 2.47  0.30 N 
6  1 N7    A DG 3  ? ? C8    A DG 3  ? ? N9 A DG 3  ? ? 117.69 113.10 4.59  0.50 N 
7  1 C8    A DG 3  ? ? N9    A DG 3  ? ? C4 A DG 3  ? ? 103.76 106.40 -2.64 0.40 N 
8  1 "O4'" A DA 4  ? ? "C1'" A DA 4  ? ? N9 A DA 4  ? ? 111.41 108.30 3.11  0.30 N 
9  1 N7    A DA 4  ? ? C8    A DA 4  ? ? N9 A DA 4  ? ? 117.50 113.80 3.70  0.50 N 
10 1 "O4'" A DA 6  ? ? "C1'" A DA 6  ? ? N9 A DA 6  ? ? 111.24 108.30 2.94  0.30 N 
11 1 N7    A DA 6  ? ? C8    A DA 6  ? ? N9 A DA 6  ? ? 117.62 113.80 3.82  0.50 N 
12 1 "O4'" A DA 7  ? ? "C1'" A DA 7  ? ? N9 A DA 7  ? ? 111.47 108.30 3.17  0.30 N 
13 1 N7    A DA 7  ? ? C8    A DA 7  ? ? N9 A DA 7  ? ? 117.68 113.80 3.88  0.50 N 
14 1 "O4'" A DG 8  ? ? "C1'" A DG 8  ? ? N9 A DG 8  ? ? 111.32 108.30 3.02  0.30 N 
15 1 N7    A DG 8  ? ? C8    A DG 8  ? ? N9 A DG 8  ? ? 117.67 113.10 4.57  0.50 N 
16 1 C8    A DG 8  ? ? N9    A DG 8  ? ? C4 A DG 8  ? ? 103.74 106.40 -2.66 0.40 N 
17 1 N7    A DA 9  ? ? C8    A DA 9  ? ? N9 A DA 9  ? ? 117.46 113.80 3.66  0.50 N 
18 1 "O4'" A DA 10 ? ? "C1'" A DA 10 ? ? N9 A DA 10 ? ? 110.78 108.30 2.48  0.30 N 
19 1 N7    A DA 10 ? ? C8    A DA 10 ? ? N9 A DA 10 ? ? 117.61 113.80 3.81  0.50 N 
20 1 "O4'" A DG 11 ? ? "C1'" A DG 11 ? ? N9 A DG 11 ? ? 111.07 108.30 2.77  0.30 N 
21 1 N7    A DG 11 ? ? C8    A DG 11 ? ? N9 A DG 11 ? ? 117.94 113.10 4.84  0.50 N 
22 1 C8    A DG 11 ? ? N9    A DG 11 ? ? C4 A DG 11 ? ? 103.73 106.40 -2.67 0.40 N 
23 1 "O4'" B DC 12 ? ? "C1'" B DC 12 ? ? N1 B DC 12 ? ? 111.51 108.30 3.21  0.30 N 
24 1 "O4'" B DT 13 ? ? "C1'" B DT 13 ? ? N1 B DT 13 ? ? 111.00 108.30 2.70  0.30 N 
25 1 "O4'" B DT 14 ? ? "C1'" B DT 14 ? ? N1 B DT 14 ? ? 111.33 108.30 3.03  0.30 N 
26 1 "O4'" B DC 15 ? ? "C1'" B DC 15 ? ? N1 B DC 15 ? ? 111.57 108.30 3.27  0.30 N 
27 1 "O4'" B DT 16 ? ? "C1'" B DT 16 ? ? N1 B DT 16 ? ? 111.43 108.30 3.13  0.30 N 
28 1 C6    B DT 16 ? ? C5    B DT 16 ? ? C7 B DT 16 ? ? 119.25 122.90 -3.65 0.60 N 
29 1 "O4'" B DT 17 ? ? "C1'" B DT 17 ? ? N1 B DT 17 ? ? 111.04 108.30 2.74  0.30 N 
30 1 "O4'" B DG 18 ? ? "C1'" B DG 18 ? ? N9 B DG 18 ? ? 110.59 108.30 2.29  0.30 N 
31 1 N7    B DG 18 ? ? C8    B DG 18 ? ? N9 B DG 18 ? ? 117.62 113.10 4.52  0.50 N 
32 1 C8    B DG 18 ? ? N9    B DG 18 ? ? C4 B DG 18 ? ? 103.69 106.40 -2.71 0.40 N 
33 1 "O4'" B DT 19 ? ? "C1'" B DT 19 ? ? N1 B DT 19 ? ? 110.65 108.30 2.35  0.30 N 
34 1 "O4'" B DC 20 ? ? "C1'" B DC 20 ? ? N1 B DC 20 ? ? 111.31 108.30 3.01  0.30 N 
35 1 "O4'" B DG 22 ? ? "C1'" B DG 22 ? ? N9 B DG 22 ? ? 111.57 108.30 3.27  0.30 N 
36 1 N7    B DG 22 ? ? C8    B DG 22 ? ? N9 B DG 22 ? ? 117.81 113.10 4.71  0.50 N 
37 1 C8    B DG 22 ? ? N9    B DG 22 ? ? C4 B DG 22 ? ? 103.98 106.40 -2.42 0.40 N 
# 
_pdbx_nmr_ensemble.entry_id                                      1DJD 
_pdbx_nmr_ensemble.conformers_calculated_total_number            1 
_pdbx_nmr_ensemble.conformers_submitted_total_number             1 
_pdbx_nmr_ensemble.conformer_selection_criteria                  'back calculated data agree with experimental NOESY spectrum' 
_pdbx_nmr_ensemble.average_constraints_per_residue               ? 
_pdbx_nmr_ensemble.average_constraint_violations_per_residue     ? 
_pdbx_nmr_ensemble.maximum_distance_constraint_violation         ? 
_pdbx_nmr_ensemble.average_distance_constraint_violation         ? 
_pdbx_nmr_ensemble.maximum_upper_distance_constraint_violation   ? 
_pdbx_nmr_ensemble.maximum_lower_distance_constraint_violation   ? 
_pdbx_nmr_ensemble.distance_constraint_violation_method          ? 
_pdbx_nmr_ensemble.maximum_torsion_angle_constraint_violation    ? 
_pdbx_nmr_ensemble.average_torsion_angle_constraint_violation    ? 
_pdbx_nmr_ensemble.torsion_angle_constraint_violation_method     ? 
# 
_pdbx_nmr_representative.entry_id             1DJD 
_pdbx_nmr_representative.conformer_id         12 
_pdbx_nmr_representative.selection_criteria   'lowest energy' 
# 
loop_
_pdbx_nmr_sample_details.solution_id 
_pdbx_nmr_sample_details.contents 
_pdbx_nmr_sample_details.solvent_system 
1 '1.8 mM oligodeoxynucleotide; 10 mM phosphate buffer; 0.05 mM EDTA; 0.1 M NaCl' '90% H2O/10% D2O' 
2 '1.8 mM oligodeoxynucleotide; 10 mM phosphate buffer; 0.05 mM EDTA; 0.1 M NaCl' '100% D2O'        
# 
loop_
_pdbx_nmr_exptl_sample_conditions.conditions_id 
_pdbx_nmr_exptl_sample_conditions.temperature 
_pdbx_nmr_exptl_sample_conditions.pressure 
_pdbx_nmr_exptl_sample_conditions.pH 
_pdbx_nmr_exptl_sample_conditions.ionic_strength 
_pdbx_nmr_exptl_sample_conditions.pressure_units 
_pdbx_nmr_exptl_sample_conditions.temperature_units 
1 278 1 7.0 '0.1 M NaCl' atm K 
2 293 1 7.0 '0.1 M NaCl' atm K 
# 
loop_
_pdbx_nmr_exptl.experiment_id 
_pdbx_nmr_exptl.conditions_id 
_pdbx_nmr_exptl.solution_id 
_pdbx_nmr_exptl.type 
1 1 1 '2D NOESY' 
2 2 2 '2D NOESY' 
3 2 2 DQF-COSY   
4 2 2 TOCSY      
# 
_pdbx_nmr_details.entry_id   1DJD 
_pdbx_nmr_details.text       'This structure was determined using 2D homonuclear techniques' 
# 
_pdbx_nmr_refine.entry_id           1DJD 
_pdbx_nmr_refine.method             'NOE-restrained molecular dynamics/simulated annealing' 
_pdbx_nmr_refine.details            
;The structure is based on a total of 475 NOE derived distance constraints, 55 empirical sugar pucker restraints, 35 empirical backbone angle restraints, and 18 empirical planarity restraints.
;
_pdbx_nmr_refine.software_ordinal   1 
# 
loop_
_pdbx_nmr_software.name 
_pdbx_nmr_software.version 
_pdbx_nmr_software.classification 
_pdbx_nmr_software.authors 
_pdbx_nmr_software.ordinal 
XwinNMR   2.0   collection                    Bruker                                1 
X-PLOR    3.851 'structure solution'          Brunger                               2 
Felix     97.0  processing                    'Biosym Technologies'                 3 
CORMA     5.2   refinement                    'Borgias, Thomas, Li, Kumar, Tonelli' 4 
MARDIGRAS 3.0   'iterative matrix relaxation' 'Borgias, Thomas, Li, Kumar, Tonelli' 5 
# 
loop_
_chem_comp_atom.comp_id 
_chem_comp_atom.atom_id 
_chem_comp_atom.type_symbol 
_chem_comp_atom.pdbx_aromatic_flag 
_chem_comp_atom.pdbx_stereo_config 
_chem_comp_atom.pdbx_ordinal 
DA  OP3    O N N 1   
DA  P      P N N 2   
DA  OP1    O N N 3   
DA  OP2    O N N 4   
DA  "O5'"  O N N 5   
DA  "C5'"  C N N 6   
DA  "C4'"  C N R 7   
DA  "O4'"  O N N 8   
DA  "C3'"  C N S 9   
DA  "O3'"  O N N 10  
DA  "C2'"  C N N 11  
DA  "C1'"  C N R 12  
DA  N9     N Y N 13  
DA  C8     C Y N 14  
DA  N7     N Y N 15  
DA  C5     C Y N 16  
DA  C6     C Y N 17  
DA  N6     N N N 18  
DA  N1     N Y N 19  
DA  C2     C Y N 20  
DA  N3     N Y N 21  
DA  C4     C Y N 22  
DA  HOP3   H N N 23  
DA  HOP2   H N N 24  
DA  "H5'"  H N N 25  
DA  "H5''" H N N 26  
DA  "H4'"  H N N 27  
DA  "H3'"  H N N 28  
DA  "HO3'" H N N 29  
DA  "H2'"  H N N 30  
DA  "H2''" H N N 31  
DA  "H1'"  H N N 32  
DA  H8     H N N 33  
DA  H61    H N N 34  
DA  H62    H N N 35  
DA  H2     H N N 36  
DC  OP3    O N N 37  
DC  P      P N N 38  
DC  OP1    O N N 39  
DC  OP2    O N N 40  
DC  "O5'"  O N N 41  
DC  "C5'"  C N N 42  
DC  "C4'"  C N R 43  
DC  "O4'"  O N N 44  
DC  "C3'"  C N S 45  
DC  "O3'"  O N N 46  
DC  "C2'"  C N N 47  
DC  "C1'"  C N R 48  
DC  N1     N N N 49  
DC  C2     C N N 50  
DC  O2     O N N 51  
DC  N3     N N N 52  
DC  C4     C N N 53  
DC  N4     N N N 54  
DC  C5     C N N 55  
DC  C6     C N N 56  
DC  HOP3   H N N 57  
DC  HOP2   H N N 58  
DC  "H5'"  H N N 59  
DC  "H5''" H N N 60  
DC  "H4'"  H N N 61  
DC  "H3'"  H N N 62  
DC  "HO3'" H N N 63  
DC  "H2'"  H N N 64  
DC  "H2''" H N N 65  
DC  "H1'"  H N N 66  
DC  H41    H N N 67  
DC  H42    H N N 68  
DC  H5     H N N 69  
DC  H6     H N N 70  
DG  OP3    O N N 71  
DG  P      P N N 72  
DG  OP1    O N N 73  
DG  OP2    O N N 74  
DG  "O5'"  O N N 75  
DG  "C5'"  C N N 76  
DG  "C4'"  C N R 77  
DG  "O4'"  O N N 78  
DG  "C3'"  C N S 79  
DG  "O3'"  O N N 80  
DG  "C2'"  C N N 81  
DG  "C1'"  C N R 82  
DG  N9     N Y N 83  
DG  C8     C Y N 84  
DG  N7     N Y N 85  
DG  C5     C Y N 86  
DG  C6     C N N 87  
DG  O6     O N N 88  
DG  N1     N N N 89  
DG  C2     C N N 90  
DG  N2     N N N 91  
DG  N3     N N N 92  
DG  C4     C Y N 93  
DG  HOP3   H N N 94  
DG  HOP2   H N N 95  
DG  "H5'"  H N N 96  
DG  "H5''" H N N 97  
DG  "H4'"  H N N 98  
DG  "H3'"  H N N 99  
DG  "HO3'" H N N 100 
DG  "H2'"  H N N 101 
DG  "H2''" H N N 102 
DG  "H1'"  H N N 103 
DG  H8     H N N 104 
DG  H1     H N N 105 
DG  H21    H N N 106 
DG  H22    H N N 107 
DT  OP3    O N N 108 
DT  P      P N N 109 
DT  OP1    O N N 110 
DT  OP2    O N N 111 
DT  "O5'"  O N N 112 
DT  "C5'"  C N N 113 
DT  "C4'"  C N R 114 
DT  "O4'"  O N N 115 
DT  "C3'"  C N S 116 
DT  "O3'"  O N N 117 
DT  "C2'"  C N N 118 
DT  "C1'"  C N R 119 
DT  N1     N N N 120 
DT  C2     C N N 121 
DT  O2     O N N 122 
DT  N3     N N N 123 
DT  C4     C N N 124 
DT  O4     O N N 125 
DT  C5     C N N 126 
DT  C7     C N N 127 
DT  C6     C N N 128 
DT  HOP3   H N N 129 
DT  HOP2   H N N 130 
DT  "H5'"  H N N 131 
DT  "H5''" H N N 132 
DT  "H4'"  H N N 133 
DT  "H3'"  H N N 134 
DT  "HO3'" H N N 135 
DT  "H2'"  H N N 136 
DT  "H2''" H N N 137 
DT  "H1'"  H N N 138 
DT  H3     H N N 139 
DT  H71    H N N 140 
DT  H72    H N N 141 
DT  H73    H N N 142 
DT  H6     H N N 143 
TBT C4C    C N N 144 
TBT C9C    C N S 145 
TBT O3     O N N 146 
TBT C8B    C N S 147 
TBT O2     O N N 148 
TBT C3B    C N S 149 
TBT O1     O N N 150 
TBT C3A    C Y N 151 
TBT C2A    C Y N 152 
TBT C4A    C Y N 153 
TBT C1A    C Y N 154 
TBT C5A    C Y N 155 
TBT C4B    C Y N 156 
TBT C6A    C Y N 157 
TBT C7A    C Y N 158 
TBT C8A    C Y N 159 
TBT C5B    C Y N 160 
TBT C9B    C Y N 161 
TBT C11    C Y N 162 
TBT C9A    C Y N 163 
TBT C10    C Y N 164 
TBT H4C1   H N N 165 
TBT H4C2   H N N 166 
TBT H9C    H N N 167 
TBT H3     H N N 168 
TBT H8B    H N N 169 
TBT HO2    H N N 170 
TBT H3B    H N N 171 
TBT H1     H N N 172 
TBT H2A    H N N 173 
TBT H1A    H N N 174 
TBT H5A    H N N 175 
TBT H6A    H N N 176 
TBT H7A    H N N 177 
TBT H8A    H N N 178 
TBT H9A    H N N 179 
TBT H10    H N N 180 
# 
loop_
_chem_comp_bond.comp_id 
_chem_comp_bond.atom_id_1 
_chem_comp_bond.atom_id_2 
_chem_comp_bond.value_order 
_chem_comp_bond.pdbx_aromatic_flag 
_chem_comp_bond.pdbx_stereo_config 
_chem_comp_bond.pdbx_ordinal 
DA  OP3   P      sing N N 1   
DA  OP3   HOP3   sing N N 2   
DA  P     OP1    doub N N 3   
DA  P     OP2    sing N N 4   
DA  P     "O5'"  sing N N 5   
DA  OP2   HOP2   sing N N 6   
DA  "O5'" "C5'"  sing N N 7   
DA  "C5'" "C4'"  sing N N 8   
DA  "C5'" "H5'"  sing N N 9   
DA  "C5'" "H5''" sing N N 10  
DA  "C4'" "O4'"  sing N N 11  
DA  "C4'" "C3'"  sing N N 12  
DA  "C4'" "H4'"  sing N N 13  
DA  "O4'" "C1'"  sing N N 14  
DA  "C3'" "O3'"  sing N N 15  
DA  "C3'" "C2'"  sing N N 16  
DA  "C3'" "H3'"  sing N N 17  
DA  "O3'" "HO3'" sing N N 18  
DA  "C2'" "C1'"  sing N N 19  
DA  "C2'" "H2'"  sing N N 20  
DA  "C2'" "H2''" sing N N 21  
DA  "C1'" N9     sing N N 22  
DA  "C1'" "H1'"  sing N N 23  
DA  N9    C8     sing Y N 24  
DA  N9    C4     sing Y N 25  
DA  C8    N7     doub Y N 26  
DA  C8    H8     sing N N 27  
DA  N7    C5     sing Y N 28  
DA  C5    C6     sing Y N 29  
DA  C5    C4     doub Y N 30  
DA  C6    N6     sing N N 31  
DA  C6    N1     doub Y N 32  
DA  N6    H61    sing N N 33  
DA  N6    H62    sing N N 34  
DA  N1    C2     sing Y N 35  
DA  C2    N3     doub Y N 36  
DA  C2    H2     sing N N 37  
DA  N3    C4     sing Y N 38  
DC  OP3   P      sing N N 39  
DC  OP3   HOP3   sing N N 40  
DC  P     OP1    doub N N 41  
DC  P     OP2    sing N N 42  
DC  P     "O5'"  sing N N 43  
DC  OP2   HOP2   sing N N 44  
DC  "O5'" "C5'"  sing N N 45  
DC  "C5'" "C4'"  sing N N 46  
DC  "C5'" "H5'"  sing N N 47  
DC  "C5'" "H5''" sing N N 48  
DC  "C4'" "O4'"  sing N N 49  
DC  "C4'" "C3'"  sing N N 50  
DC  "C4'" "H4'"  sing N N 51  
DC  "O4'" "C1'"  sing N N 52  
DC  "C3'" "O3'"  sing N N 53  
DC  "C3'" "C2'"  sing N N 54  
DC  "C3'" "H3'"  sing N N 55  
DC  "O3'" "HO3'" sing N N 56  
DC  "C2'" "C1'"  sing N N 57  
DC  "C2'" "H2'"  sing N N 58  
DC  "C2'" "H2''" sing N N 59  
DC  "C1'" N1     sing N N 60  
DC  "C1'" "H1'"  sing N N 61  
DC  N1    C2     sing N N 62  
DC  N1    C6     sing N N 63  
DC  C2    O2     doub N N 64  
DC  C2    N3     sing N N 65  
DC  N3    C4     doub N N 66  
DC  C4    N4     sing N N 67  
DC  C4    C5     sing N N 68  
DC  N4    H41    sing N N 69  
DC  N4    H42    sing N N 70  
DC  C5    C6     doub N N 71  
DC  C5    H5     sing N N 72  
DC  C6    H6     sing N N 73  
DG  OP3   P      sing N N 74  
DG  OP3   HOP3   sing N N 75  
DG  P     OP1    doub N N 76  
DG  P     OP2    sing N N 77  
DG  P     "O5'"  sing N N 78  
DG  OP2   HOP2   sing N N 79  
DG  "O5'" "C5'"  sing N N 80  
DG  "C5'" "C4'"  sing N N 81  
DG  "C5'" "H5'"  sing N N 82  
DG  "C5'" "H5''" sing N N 83  
DG  "C4'" "O4'"  sing N N 84  
DG  "C4'" "C3'"  sing N N 85  
DG  "C4'" "H4'"  sing N N 86  
DG  "O4'" "C1'"  sing N N 87  
DG  "C3'" "O3'"  sing N N 88  
DG  "C3'" "C2'"  sing N N 89  
DG  "C3'" "H3'"  sing N N 90  
DG  "O3'" "HO3'" sing N N 91  
DG  "C2'" "C1'"  sing N N 92  
DG  "C2'" "H2'"  sing N N 93  
DG  "C2'" "H2''" sing N N 94  
DG  "C1'" N9     sing N N 95  
DG  "C1'" "H1'"  sing N N 96  
DG  N9    C8     sing Y N 97  
DG  N9    C4     sing Y N 98  
DG  C8    N7     doub Y N 99  
DG  C8    H8     sing N N 100 
DG  N7    C5     sing Y N 101 
DG  C5    C6     sing N N 102 
DG  C5    C4     doub Y N 103 
DG  C6    O6     doub N N 104 
DG  C6    N1     sing N N 105 
DG  N1    C2     sing N N 106 
DG  N1    H1     sing N N 107 
DG  C2    N2     sing N N 108 
DG  C2    N3     doub N N 109 
DG  N2    H21    sing N N 110 
DG  N2    H22    sing N N 111 
DG  N3    C4     sing N N 112 
DT  OP3   P      sing N N 113 
DT  OP3   HOP3   sing N N 114 
DT  P     OP1    doub N N 115 
DT  P     OP2    sing N N 116 
DT  P     "O5'"  sing N N 117 
DT  OP2   HOP2   sing N N 118 
DT  "O5'" "C5'"  sing N N 119 
DT  "C5'" "C4'"  sing N N 120 
DT  "C5'" "H5'"  sing N N 121 
DT  "C5'" "H5''" sing N N 122 
DT  "C4'" "O4'"  sing N N 123 
DT  "C4'" "C3'"  sing N N 124 
DT  "C4'" "H4'"  sing N N 125 
DT  "O4'" "C1'"  sing N N 126 
DT  "C3'" "O3'"  sing N N 127 
DT  "C3'" "C2'"  sing N N 128 
DT  "C3'" "H3'"  sing N N 129 
DT  "O3'" "HO3'" sing N N 130 
DT  "C2'" "C1'"  sing N N 131 
DT  "C2'" "H2'"  sing N N 132 
DT  "C2'" "H2''" sing N N 133 
DT  "C1'" N1     sing N N 134 
DT  "C1'" "H1'"  sing N N 135 
DT  N1    C2     sing N N 136 
DT  N1    C6     sing N N 137 
DT  C2    O2     doub N N 138 
DT  C2    N3     sing N N 139 
DT  N3    C4     sing N N 140 
DT  N3    H3     sing N N 141 
DT  C4    O4     doub N N 142 
DT  C4    C5     sing N N 143 
DT  C5    C7     sing N N 144 
DT  C5    C6     doub N N 145 
DT  C7    H71    sing N N 146 
DT  C7    H72    sing N N 147 
DT  C7    H73    sing N N 148 
DT  C6    H6     sing N N 149 
TBT C4C   C9C    sing N N 150 
TBT C4C   C4A    sing N N 151 
TBT C4C   H4C1   sing N N 152 
TBT C4C   H4C2   sing N N 153 
TBT C9C   O3     sing N N 154 
TBT C9C   C8B    sing N N 155 
TBT C9C   H9C    sing N N 156 
TBT O3    H3     sing N N 157 
TBT C8B   O2     sing N N 158 
TBT C8B   C3B    sing N N 159 
TBT C8B   H8B    sing N N 160 
TBT O2    HO2    sing N N 161 
TBT C3B   O1     sing N N 162 
TBT C3B   C3A    sing N N 163 
TBT C3B   H3B    sing N N 164 
TBT O1    H1     sing N N 165 
TBT C3A   C4A    doub Y N 166 
TBT C3A   C10    sing Y N 167 
TBT C2A   C1A    doub Y N 168 
TBT C2A   C5B    sing Y N 169 
TBT C2A   H2A    sing N N 170 
TBT C4A   C5A    sing Y N 171 
TBT C1A   C11    sing Y N 172 
TBT C1A   H1A    sing N N 173 
TBT C5A   C4B    doub Y N 174 
TBT C5A   H5A    sing N N 175 
TBT C4B   C9B    sing Y N 176 
TBT C4B   C11    sing Y N 177 
TBT C6A   C7A    doub Y N 178 
TBT C6A   C5B    sing Y N 179 
TBT C6A   H6A    sing N N 180 
TBT C7A   C8A    sing Y N 181 
TBT C7A   H7A    sing N N 182 
TBT C8A   C9A    doub Y N 183 
TBT C8A   H8A    sing N N 184 
TBT C5B   C9B    doub Y N 185 
TBT C9B   C9A    sing Y N 186 
TBT C11   C10    doub Y N 187 
TBT C9A   H9A    sing N N 188 
TBT C10   H10    sing N N 189 
# 
loop_
_ndb_struct_conf_na.entry_id 
_ndb_struct_conf_na.feature 
1DJD 'double helix'        
1DJD 'b-form double helix' 
# 
loop_
_ndb_struct_na_base_pair.model_number 
_ndb_struct_na_base_pair.i_label_asym_id 
_ndb_struct_na_base_pair.i_label_comp_id 
_ndb_struct_na_base_pair.i_label_seq_id 
_ndb_struct_na_base_pair.i_symmetry 
_ndb_struct_na_base_pair.j_label_asym_id 
_ndb_struct_na_base_pair.j_label_comp_id 
_ndb_struct_na_base_pair.j_label_seq_id 
_ndb_struct_na_base_pair.j_symmetry 
_ndb_struct_na_base_pair.shear 
_ndb_struct_na_base_pair.stretch 
_ndb_struct_na_base_pair.stagger 
_ndb_struct_na_base_pair.buckle 
_ndb_struct_na_base_pair.propeller 
_ndb_struct_na_base_pair.opening 
_ndb_struct_na_base_pair.pair_number 
_ndb_struct_na_base_pair.pair_name 
_ndb_struct_na_base_pair.i_auth_asym_id 
_ndb_struct_na_base_pair.i_auth_seq_id 
_ndb_struct_na_base_pair.i_PDB_ins_code 
_ndb_struct_na_base_pair.j_auth_asym_id 
_ndb_struct_na_base_pair.j_auth_seq_id 
_ndb_struct_na_base_pair.j_PDB_ins_code 
_ndb_struct_na_base_pair.hbond_type_28 
_ndb_struct_na_base_pair.hbond_type_12 
1 A DC 1  1_555 B DG 11 1_555 0.173  -0.126 0.036  -6.085  -6.767 -0.142  1  A_DC1:DG22_B  A 1  ? B 22 ? 19 1 
1 A DG 2  1_555 B DC 10 1_555 -0.124 -0.108 0.208  10.110  -2.142 -3.796  2  A_DG2:DC21_B  A 2  ? B 21 ? 19 1 
1 A DG 3  1_555 B DC 9  1_555 -0.198 -0.072 0.103  16.065  -7.424 -0.594  3  A_DG3:DC20_B  A 3  ? B 20 ? 19 1 
1 A DA 4  1_555 B DT 8  1_555 0.131  -0.129 0.078  -3.027  -4.077 1.149   4  A_DA4:DT19_B  A 4  ? B 19 ? 20 1 
1 A DC 5  1_555 B DG 7  1_555 0.177  -0.105 0.477  17.830  6.796  1.855   5  A_DC5:DG18_B  A 5  ? B 18 ? 19 1 
1 A DA 6  1_555 B DT 6  1_555 2.729  0.822  0.572  -24.992 24.351 -43.998 6  A_DA6:DT17_B  A 6  ? B 17 ? ?  ? 
1 A DA 7  1_555 B DT 5  1_555 0.243  0.063  0.675  7.687   -2.553 -2.788  7  A_DA7:DT16_B  A 7  ? B 16 ? 20 1 
1 A DG 8  1_555 B DC 4  1_555 -0.143 -0.123 0.074  7.594   -5.843 -3.364  8  A_DG8:DC15_B  A 8  ? B 15 ? 19 1 
1 A DA 9  1_555 B DT 3  1_555 0.127  -0.076 -0.016 12.324  -9.549 0.767   9  A_DA9:DT14_B  A 9  ? B 14 ? 20 1 
1 A DA 10 1_555 B DT 2  1_555 0.098  -0.099 -0.074 10.109  -9.671 4.197   10 A_DA10:DT13_B A 10 ? B 13 ? 20 1 
1 A DG 11 1_555 B DC 1  1_555 -0.139 -0.110 0.260  18.448  -1.954 -2.985  11 A_DG11:DC12_B A 11 ? B 12 ? 19 1 
# 
loop_
_ndb_struct_na_base_pair_step.model_number 
_ndb_struct_na_base_pair_step.i_label_asym_id_1 
_ndb_struct_na_base_pair_step.i_label_comp_id_1 
_ndb_struct_na_base_pair_step.i_label_seq_id_1 
_ndb_struct_na_base_pair_step.i_symmetry_1 
_ndb_struct_na_base_pair_step.j_label_asym_id_1 
_ndb_struct_na_base_pair_step.j_label_comp_id_1 
_ndb_struct_na_base_pair_step.j_label_seq_id_1 
_ndb_struct_na_base_pair_step.j_symmetry_1 
_ndb_struct_na_base_pair_step.i_label_asym_id_2 
_ndb_struct_na_base_pair_step.i_label_comp_id_2 
_ndb_struct_na_base_pair_step.i_label_seq_id_2 
_ndb_struct_na_base_pair_step.i_symmetry_2 
_ndb_struct_na_base_pair_step.j_label_asym_id_2 
_ndb_struct_na_base_pair_step.j_label_comp_id_2 
_ndb_struct_na_base_pair_step.j_label_seq_id_2 
_ndb_struct_na_base_pair_step.j_symmetry_2 
_ndb_struct_na_base_pair_step.shift 
_ndb_struct_na_base_pair_step.slide 
_ndb_struct_na_base_pair_step.rise 
_ndb_struct_na_base_pair_step.tilt 
_ndb_struct_na_base_pair_step.roll 
_ndb_struct_na_base_pair_step.twist 
_ndb_struct_na_base_pair_step.x_displacement 
_ndb_struct_na_base_pair_step.y_displacement 
_ndb_struct_na_base_pair_step.helical_rise 
_ndb_struct_na_base_pair_step.inclination 
_ndb_struct_na_base_pair_step.tip 
_ndb_struct_na_base_pair_step.helical_twist 
_ndb_struct_na_base_pair_step.step_number 
_ndb_struct_na_base_pair_step.step_name 
_ndb_struct_na_base_pair_step.i_auth_asym_id_1 
_ndb_struct_na_base_pair_step.i_auth_seq_id_1 
_ndb_struct_na_base_pair_step.i_PDB_ins_code_1 
_ndb_struct_na_base_pair_step.j_auth_asym_id_1 
_ndb_struct_na_base_pair_step.j_auth_seq_id_1 
_ndb_struct_na_base_pair_step.j_PDB_ins_code_1 
_ndb_struct_na_base_pair_step.i_auth_asym_id_2 
_ndb_struct_na_base_pair_step.i_auth_seq_id_2 
_ndb_struct_na_base_pair_step.i_PDB_ins_code_2 
_ndb_struct_na_base_pair_step.j_auth_asym_id_2 
_ndb_struct_na_base_pair_step.j_auth_seq_id_2 
_ndb_struct_na_base_pair_step.j_PDB_ins_code_2 
1 A DC 1  1_555 B DG 11 1_555 A DG 2  1_555 B DC 10 1_555 -0.316 -0.365 2.725 0.172  9.561  27.979 -2.374 0.651  2.467 19.082  
-0.343 29.538 1 AA_DC1DG2:DC21DG22_BB   A 1  ? B 22 ? A 2  ? B 21 ? 
1 A DG 2  1_555 B DC 10 1_555 A DG 3  1_555 B DC 9  1_555 0.688  -0.057 3.142 0.511  0.761  37.434 -0.185 -1.008 3.149 1.185   
-0.796 37.445 2 AA_DG2DG3:DC20DC21_BB   A 2  ? B 21 ? A 3  ? B 20 ? 
1 A DG 3  1_555 B DC 9  1_555 A DA 4  1_555 B DT 8  1_555 0.276  0.299  4.282 1.416  8.186  38.317 -0.849 -0.188 4.262 12.296  
-2.127 39.174 3 AA_DG3DA4:DT19DC20_BB   A 3  ? B 20 ? A 4  ? B 19 ? 
1 A DA 4  1_555 B DT 8  1_555 A DC 5  1_555 B DG 7  1_555 -0.082 -0.041 3.178 1.393  1.327  32.402 -0.299 0.384  3.168 2.375   
-2.494 32.458 4 AA_DA4DC5:DG18DT19_BB   A 4  ? B 19 ? A 5  ? B 18 ? 
1 A DA 6  1_555 B DT 6  1_555 A DA 7  1_555 B DT 5  1_555 2.431  -0.577 2.906 -6.770 -3.979 17.684 -0.183 -9.849 1.933 -12.191 
20.745 19.336 5 AA_DA6DA7:DT16DT17_BB   A 6  ? B 17 ? A 7  ? B 16 ? 
1 A DA 7  1_555 B DT 5  1_555 A DG 8  1_555 B DC 4  1_555 -0.186 -0.661 3.443 1.375  3.221  32.198 -1.776 0.587  3.352 5.787   
-2.470 32.383 6 AA_DA7DG8:DC15DT16_BB   A 7  ? B 16 ? A 8  ? B 15 ? 
1 A DG 8  1_555 B DC 4  1_555 A DA 9  1_555 B DT 3  1_555 -0.139 -0.344 3.192 -0.103 2.597  35.428 -0.932 0.214  3.160 4.260   
0.169  35.520 7 AA_DG8DA9:DT14DC15_BB   A 8  ? B 15 ? A 9  ? B 14 ? 
1 A DA 9  1_555 B DT 3  1_555 A DA 10 1_555 B DT 2  1_555 -0.217 -0.580 3.225 0.846  7.227  33.836 -2.055 0.491  3.034 12.241  
-1.433 34.587 8 AA_DA9DA10:DT13DT14_BB  A 9  ? B 14 ? A 10 ? B 13 ? 
1 A DA 10 1_555 B DT 2  1_555 A DG 11 1_555 B DC 1  1_555 -0.081 -0.146 2.988 -0.496 0.195  30.048 -0.317 0.063  2.988 0.376   
0.956  30.052 9 AA_DA10DG11:DC12DT13_BB A 10 ? B 13 ? A 11 ? B 12 ? 
# 
loop_
_pdbx_nmr_spectrometer.spectrometer_id 
_pdbx_nmr_spectrometer.type 
_pdbx_nmr_spectrometer.manufacturer 
_pdbx_nmr_spectrometer.model 
_pdbx_nmr_spectrometer.field_strength 
1 ? Bruker DMX 500 
2 ? Bruker DMX 750 
# 
_atom_sites.entry_id                    1DJD 
_atom_sites.fract_transf_matrix[1][1]   1.000000 
_atom_sites.fract_transf_matrix[1][2]   0.000000 
_atom_sites.fract_transf_matrix[1][3]   0.000000 
_atom_sites.fract_transf_matrix[2][1]   0.000000 
_atom_sites.fract_transf_matrix[2][2]   1.000000 
_atom_sites.fract_transf_matrix[2][3]   0.000000 
_atom_sites.fract_transf_matrix[3][1]   0.000000 
_atom_sites.fract_transf_matrix[3][2]   0.000000 
_atom_sites.fract_transf_matrix[3][3]   1.000000 
_atom_sites.fract_transf_vector[1]      0.00000 
_atom_sites.fract_transf_vector[2]      0.00000 
_atom_sites.fract_transf_vector[3]      0.00000 
# 
loop_
_atom_type.symbol 
C 
H 
N 
O 
P 
# 
loop_
_atom_site.group_PDB 
_atom_site.id 
_atom_site.type_symbol 
_atom_site.label_atom_id 
_atom_site.label_alt_id 
_atom_site.label_comp_id 
_atom_site.label_asym_id 
_atom_site.label_entity_id 
_atom_site.label_seq_id 
_atom_site.pdbx_PDB_ins_code 
_atom_site.Cartn_x 
_atom_site.Cartn_y 
_atom_site.Cartn_z 
_atom_site.occupancy 
_atom_site.B_iso_or_equiv 
_atom_site.pdbx_formal_charge 
_atom_site.auth_seq_id 
_atom_site.auth_comp_id 
_atom_site.auth_asym_id 
_atom_site.auth_atom_id 
_atom_site.pdbx_PDB_model_num 
ATOM   1   O "O5'"  . DC  A 1 1  ? 12.502  16.514  -7.299  1.00 0.20 ? 1  DC  A "O5'"  1 
ATOM   2   C "C5'"  . DC  A 1 1  ? 12.875  16.452  -8.678  1.00 0.20 ? 1  DC  A "C5'"  1 
ATOM   3   C "C4'"  . DC  A 1 1  ? 12.876  15.016  -9.192  1.00 0.19 ? 1  DC  A "C4'"  1 
ATOM   4   O "O4'"  . DC  A 1 1  ? 13.736  14.190  -8.372  1.00 0.14 ? 1  DC  A "O4'"  1 
ATOM   5   C "C3'"  . DC  A 1 1  ? 11.471  14.422  -9.145  1.00 0.23 ? 1  DC  A "C3'"  1 
ATOM   6   O "O3'"  . DC  A 1 1  ? 11.080  13.929  -10.434 1.00 0.25 ? 1  DC  A "O3'"  1 
ATOM   7   C "C2'"  . DC  A 1 1  ? 11.544  13.315  -8.140  1.00 0.20 ? 1  DC  A "C2'"  1 
ATOM   8   C "C1'"  . DC  A 1 1  ? 13.017  13.017  -7.952  1.00 0.15 ? 1  DC  A "C1'"  1 
ATOM   9   N N1     . DC  A 1 1  ? 13.324  12.662  -6.545  1.00 0.12 ? 1  DC  A N1     1 
ATOM   10  C C2     . DC  A 1 1  ? 14.087  11.523  -6.328  1.00 0.09 ? 1  DC  A C2     1 
ATOM   11  O O2     . DC  A 1 1  ? 14.480  10.852  -7.280  1.00 0.11 ? 1  DC  A O2     1 
ATOM   12  N N3     . DC  A 1 1  ? 14.382  11.177  -5.046  1.00 0.08 ? 1  DC  A N3     1 
ATOM   13  C C4     . DC  A 1 1  ? 13.948  11.914  -4.014  1.00 0.12 ? 1  DC  A C4     1 
ATOM   14  N N4     . DC  A 1 1  ? 14.256  11.544  -2.771  1.00 0.15 ? 1  DC  A N4     1 
ATOM   15  C C5     . DC  A 1 1  ? 13.161  13.087  -4.231  1.00 0.16 ? 1  DC  A C5     1 
ATOM   16  C C6     . DC  A 1 1  ? 12.873  13.424  -5.502  1.00 0.15 ? 1  DC  A C6     1 
ATOM   17  H "H5'"  . DC  A 1 1  ? 13.874  16.874  -8.796  1.00 0.18 ? 1  DC  A "H5'"  1 
ATOM   18  H "H5''" . DC  A 1 1  ? 12.169  17.038  -9.263  1.00 0.23 ? 1  DC  A "H5''" 1 
ATOM   19  H "H4'"  . DC  A 1 1  ? 13.240  14.998  -10.221 1.00 0.20 ? 1  DC  A "H4'"  1 
ATOM   20  H "H3'"  . DC  A 1 1  ? 10.758  15.167  -8.801  1.00 0.25 ? 1  DC  A "H3'"  1 
ATOM   21  H "H2'"  . DC  A 1 1  ? 11.108  13.654  -7.203  1.00 0.21 ? 1  DC  A "H2'"  1 
ATOM   22  H "H2''" . DC  A 1 1  ? 11.019  12.440  -8.502  1.00 0.23 ? 1  DC  A "H2''" 1 
ATOM   23  H "H1'"  . DC  A 1 1  ? 13.297  12.186  -8.601  1.00 0.15 ? 1  DC  A "H1'"  1 
ATOM   24  H H41    . DC  A 1 1  ? 14.813  10.716  -2.612  1.00 0.14 ? 1  DC  A H41    1 
ATOM   25  H H42    . DC  A 1 1  ? 13.934  12.093  -1.987  1.00 0.20 ? 1  DC  A H42    1 
ATOM   26  H H5     . DC  A 1 1  ? 12.805  13.689  -3.393  1.00 0.20 ? 1  DC  A H5     1 
ATOM   27  H H6     . DC  A 1 1  ? 12.272  14.311  -5.699  1.00 0.19 ? 1  DC  A H6     1 
ATOM   28  H "HO5'" . DC  A 1 1  ? 13.050  15.883  -6.828  1.00 0.19 ? 1  DC  A "HO5'" 1 
ATOM   29  P P      . DG  A 1 2  ? 9.664   13.188  -10.642 1.00 0.31 ? 2  DG  A P      1 
ATOM   30  O OP1    . DG  A 1 2  ? 9.269   13.333  -12.062 1.00 1.60 ? 2  DG  A OP1    1 
ATOM   31  O OP2    . DG  A 1 2  ? 8.742   13.633  -9.573  1.00 0.98 ? 2  DG  A OP2    1 
ATOM   32  O "O5'"  . DG  A 1 2  ? 10.037  11.644  -10.375 1.00 0.28 ? 2  DG  A "O5'"  1 
ATOM   33  C "C5'"  . DG  A 1 2  ? 10.719  10.883  -11.378 1.00 0.33 ? 2  DG  A "C5'"  1 
ATOM   34  C "C4'"  . DG  A 1 2  ? 10.798  9.404   -11.017 1.00 0.32 ? 2  DG  A "C4'"  1 
ATOM   35  O "O4'"  . DG  A 1 2  ? 11.600  9.193   -9.826  1.00 0.27 ? 2  DG  A "O4'"  1 
ATOM   36  C "C3'"  . DG  A 1 2  ? 9.413   8.827   -10.751 1.00 0.32 ? 2  DG  A "C3'"  1 
ATOM   37  O "O3'"  . DG  A 1 2  ? 9.191   7.651   -11.542 1.00 0.36 ? 2  DG  A "O3'"  1 
ATOM   38  C "C2'"  . DG  A 1 2  ? 9.406   8.515   -9.277  1.00 0.28 ? 2  DG  A "C2'"  1 
ATOM   39  C "C1'"  . DG  A 1 2  ? 10.865  8.370   -8.899  1.00 0.25 ? 2  DG  A "C1'"  1 
ATOM   40  N N9     . DG  A 1 2  ? 11.111  8.785   -7.501  1.00 0.20 ? 2  DG  A N9     1 
ATOM   41  C C8     . DG  A 1 2  ? 10.633  9.854   -6.811  1.00 0.17 ? 2  DG  A C8     1 
ATOM   42  N N7     . DG  A 1 2  ? 11.013  9.993   -5.586  1.00 0.13 ? 2  DG  A N7     1 
ATOM   43  C C5     . DG  A 1 2  ? 11.850  8.887   -5.418  1.00 0.14 ? 2  DG  A C5     1 
ATOM   44  C C6     . DG  A 1 2  ? 12.584  8.470   -4.278  1.00 0.12 ? 2  DG  A C6     1 
ATOM   45  O O6     . DG  A 1 2  ? 12.641  9.002   -3.173  1.00 0.09 ? 2  DG  A O6     1 
ATOM   46  N N1     . DG  A 1 2  ? 13.300  7.306   -4.528  1.00 0.16 ? 2  DG  A N1     1 
ATOM   47  C C2     . DG  A 1 2  ? 13.312  6.623   -5.727  1.00 0.20 ? 2  DG  A C2     1 
ATOM   48  N N2     . DG  A 1 2  ? 14.064  5.522   -5.771  1.00 0.24 ? 2  DG  A N2     1 
ATOM   49  N N3     . DG  A 1 2  ? 12.623  7.008   -6.806  1.00 0.22 ? 2  DG  A N3     1 
ATOM   50  C C4     . DG  A 1 2  ? 11.917  8.142   -6.586  1.00 0.19 ? 2  DG  A C4     1 
ATOM   51  H "H5'"  . DG  A 1 2  ? 11.729  11.271  -11.495 1.00 0.32 ? 2  DG  A "H5'"  1 
ATOM   52  H "H5''" . DG  A 1 2  ? 10.187  10.988  -12.324 1.00 0.40 ? 2  DG  A "H5''" 1 
ATOM   53  H "H4'"  . DG  A 1 2  ? 11.251  8.866   -11.846 1.00 0.36 ? 2  DG  A "H4'"  1 
ATOM   54  H "H3'"  . DG  A 1 2  ? 8.655   9.578   -10.972 1.00 0.34 ? 2  DG  A "H3'"  1 
ATOM   55  H "H2'"  . DG  A 1 2  ? 8.953   9.337   -8.725  1.00 0.26 ? 2  DG  A "H2'"  1 
ATOM   56  H "H2''" . DG  A 1 2  ? 8.870   7.587   -9.083  1.00 0.28 ? 2  DG  A "H2''" 1 
ATOM   57  H "H1'"  . DG  A 1 2  ? 11.166  7.329   -9.024  1.00 0.27 ? 2  DG  A "H1'"  1 
ATOM   58  H H8     . DG  A 1 2  ? 9.951   10.567  -7.274  1.00 0.18 ? 2  DG  A H8     1 
ATOM   59  H H1     . DG  A 1 2  ? 13.847  6.949   -3.758  1.00 0.16 ? 2  DG  A H1     1 
ATOM   60  H H21    . DG  A 1 2  ? 14.584  5.231   -4.955  1.00 1.07 ? 2  DG  A H21    1 
ATOM   61  H H22    . DG  A 1 2  ? 14.113  4.978   -6.622  1.00 0.71 ? 2  DG  A H22    1 
ATOM   62  P P      . DG  A 1 3  ? 7.842   6.781   -11.387 1.00 0.37 ? 3  DG  A P      1 
ATOM   63  O OP1    . DG  A 1 3  ? 7.424   6.332   -12.734 1.00 1.54 ? 3  DG  A OP1    1 
ATOM   64  O OP2    . DG  A 1 3  ? 6.893   7.530   -10.532 1.00 1.09 ? 3  DG  A OP2    1 
ATOM   65  O "O5'"  . DG  A 1 3  ? 8.356   5.497   -10.564 1.00 0.34 ? 3  DG  A "O5'"  1 
ATOM   66  C "C5'"  . DG  A 1 3  ? 9.359   4.641   -11.116 1.00 0.36 ? 3  DG  A "C5'"  1 
ATOM   67  C "C4'"  . DG  A 1 3  ? 9.899   3.662   -10.082 1.00 0.32 ? 3  DG  A "C4'"  1 
ATOM   68  O "O4'"  . DG  A 1 3  ? 10.459  4.363   -8.948  1.00 0.29 ? 3  DG  A "O4'"  1 
ATOM   69  C "C3'"  . DG  A 1 3  ? 8.791   2.754   -9.561  1.00 0.29 ? 3  DG  A "C3'"  1 
ATOM   70  O "O3'"  . DG  A 1 3  ? 9.152   1.375   -9.676  1.00 0.28 ? 3  DG  A "O3'"  1 
ATOM   71  C "C2'"  . DG  A 1 3  ? 8.598   3.158   -8.135  1.00 0.24 ? 3  DG  A "C2'"  1 
ATOM   72  C "C1'"  . DG  A 1 3  ? 9.869   3.855   -7.735  1.00 0.24 ? 3  DG  A "C1'"  1 
ATOM   73  N N9     . DG  A 1 3  ? 9.591   4.953   -6.789  1.00 0.23 ? 3  DG  A N9     1 
ATOM   74  C C8     . DG  A 1 3  ? 8.770   6.021   -6.932  1.00 0.23 ? 3  DG  A C8     1 
ATOM   75  N N7     . DG  A 1 3  ? 8.697   6.857   -5.952  1.00 0.22 ? 3  DG  A N7     1 
ATOM   76  C C5     . DG  A 1 3  ? 9.576   6.288   -5.028  1.00 0.20 ? 3  DG  A C5     1 
ATOM   77  C C6     . DG  A 1 3  ? 9.940   6.734   -3.730  1.00 0.17 ? 3  DG  A C6     1 
ATOM   78  O O6     . DG  A 1 3  ? 9.554   7.735   -3.131  1.00 0.17 ? 3  DG  A O6     1 
ATOM   79  N N1     . DG  A 1 3  ? 10.852  5.871   -3.134  1.00 0.16 ? 3  DG  A N1     1 
ATOM   80  C C2     . DG  A 1 3  ? 11.355  4.722   -3.711  1.00 0.17 ? 3  DG  A C2     1 
ATOM   81  N N2     . DG  A 1 3  ? 12.223  4.023   -2.979  1.00 0.16 ? 3  DG  A N2     1 
ATOM   82  N N3     . DG  A 1 3  ? 11.016  4.296   -4.932  1.00 0.19 ? 3  DG  A N3     1 
ATOM   83  C C4     . DG  A 1 3  ? 10.129  5.120   -5.532  1.00 0.20 ? 3  DG  A C4     1 
ATOM   84  H "H5'"  . DG  A 1 3  ? 10.182  5.252   -11.490 1.00 0.38 ? 3  DG  A "H5'"  1 
ATOM   85  H "H5''" . DG  A 1 3  ? 8.932   4.078   -11.941 1.00 0.40 ? 3  DG  A "H5''" 1 
ATOM   86  H "H4'"  . DG  A 1 3  ? 10.676  3.051   -10.540 1.00 0.34 ? 3  DG  A "H4'"  1 
ATOM   87  H "H3'"  . DG  A 1 3  ? 7.872   2.947   -10.103 1.00 0.31 ? 3  DG  A "H3'"  1 
ATOM   88  H "H2'"  . DG  A 1 3  ? 7.746   3.832   -8.044  1.00 0.25 ? 3  DG  A "H2'"  1 
ATOM   89  H "H2''" . DG  A 1 3  ? 8.458   2.278   -7.519  1.00 0.21 ? 3  DG  A "H2''" 1 
ATOM   90  H "H1'"  . DG  A 1 3  ? 10.531  3.133   -7.280  1.00 0.23 ? 3  DG  A "H1'"  1 
ATOM   91  H H8     . DG  A 1 3  ? 8.191   6.168   -7.843  1.00 0.25 ? 3  DG  A H8     1 
ATOM   92  H H1     . DG  A 1 3  ? 11.155  6.123   -2.204  1.00 0.14 ? 3  DG  A H1     1 
ATOM   93  H H21    . DG  A 1 3  ? 12.478  4.344   -2.057  1.00 0.15 ? 3  DG  A H21    1 
ATOM   94  H H22    . DG  A 1 3  ? 12.625  3.174   -3.348  1.00 0.17 ? 3  DG  A H22    1 
ATOM   95  P P      . DA  A 1 4  ? 8.018   0.228   -9.655  1.00 0.26 ? 4  DA  A P      1 
ATOM   96  O OP1    . DA  A 1 4  ? 8.442   -0.858  -10.568 1.00 1.53 ? 4  DA  A OP1    1 
ATOM   97  O OP2    . DA  A 1 4  ? 6.697   0.870   -9.835  1.00 1.05 ? 4  DA  A OP2    1 
ATOM   98  O "O5'"  . DA  A 1 4  ? 8.111   -0.318  -8.146  1.00 0.21 ? 4  DA  A "O5'"  1 
ATOM   99  C "C5'"  . DA  A 1 4  ? 9.295   -0.977  -7.693  1.00 0.19 ? 4  DA  A "C5'"  1 
ATOM   100 C "C4'"  . DA  A 1 4  ? 9.272   -1.207  -6.186  1.00 0.14 ? 4  DA  A "C4'"  1 
ATOM   101 O "O4'"  . DA  A 1 4  ? 9.280   0.055   -5.471  1.00 0.12 ? 4  DA  A "O4'"  1 
ATOM   102 C "C3'"  . DA  A 1 4  ? 8.019   -1.966  -5.770  1.00 0.12 ? 4  DA  A "C3'"  1 
ATOM   103 O "O3'"  . DA  A 1 4  ? 8.365   -3.043  -4.879  1.00 0.10 ? 4  DA  A "O3'"  1 
ATOM   104 C "C2'"  . DA  A 1 4  ? 7.162   -0.920  -5.106  1.00 0.12 ? 4  DA  A "C2'"  1 
ATOM   105 C "C1'"  . DA  A 1 4  ? 8.138   0.112   -4.594  1.00 0.11 ? 4  DA  A "C1'"  1 
ATOM   106 N N9     . DA  A 1 4  ? 7.538   1.456   -4.578  1.00 0.11 ? 4  DA  A N9     1 
ATOM   107 C C8     . DA  A 1 4  ? 6.939   2.147   -5.573  1.00 0.15 ? 4  DA  A C8     1 
ATOM   108 N N7     . DA  A 1 4  ? 6.494   3.328   -5.296  1.00 0.15 ? 4  DA  A N7     1 
ATOM   109 C C5     . DA  A 1 4  ? 6.836   3.446   -3.943  1.00 0.11 ? 4  DA  A C5     1 
ATOM   110 C C6     . DA  A 1 4  ? 6.656   4.465   -3.003  1.00 0.10 ? 4  DA  A C6     1 
ATOM   111 N N6     . DA  A 1 4  ? 6.058   5.622   -3.284  1.00 0.11 ? 4  DA  A N6     1 
ATOM   112 N N1     . DA  A 1 4  ? 7.116   4.247   -1.759  1.00 0.11 ? 4  DA  A N1     1 
ATOM   113 C C2     . DA  A 1 4  ? 7.717   3.096   -1.451  1.00 0.12 ? 4  DA  A C2     1 
ATOM   114 N N3     . DA  A 1 4  ? 7.939   2.068   -2.261  1.00 0.11 ? 4  DA  A N3     1 
ATOM   115 C C4     . DA  A 1 4  ? 7.471   2.310   -3.501  1.00 0.10 ? 4  DA  A C4     1 
ATOM   116 H "H5'"  . DA  A 1 4  ? 10.158  -0.362  -7.942  1.00 0.20 ? 4  DA  A "H5'"  1 
ATOM   117 H "H5''" . DA  A 1 4  ? 9.382   -1.939  -8.199  1.00 0.21 ? 4  DA  A "H5''" 1 
ATOM   118 H "H4'"  . DA  A 1 4  ? 10.149  -1.784  -5.899  1.00 0.14 ? 4  DA  A "H4'"  1 
ATOM   119 H "H3'"  . DA  A 1 4  ? 7.511   -2.354  -6.654  1.00 0.14 ? 4  DA  A "H3'"  1 
ATOM   120 H "H2'"  . DA  A 1 4  ? 6.495   -0.469  -5.842  1.00 0.14 ? 4  DA  A "H2'"  1 
ATOM   121 H "H2''" . DA  A 1 4  ? 6.589   -1.342  -4.285  1.00 0.11 ? 4  DA  A "H2''" 1 
ATOM   122 H "H1'"  . DA  A 1 4  ? 8.444   -0.156  -3.586  1.00 0.09 ? 4  DA  A "H1'"  1 
ATOM   123 H H8     . DA  A 1 4  ? 6.838   1.719   -6.571  1.00 0.18 ? 4  DA  A H8     1 
ATOM   124 H H61    . DA  A 1 4  ? 5.954   6.326   -2.567  1.00 0.11 ? 4  DA  A H61    1 
ATOM   125 H H62    . DA  A 1 4  ? 5.708   5.796   -4.216  1.00 0.13 ? 4  DA  A H62    1 
ATOM   126 H H2     . DA  A 1 4  ? 8.064   2.990   -0.424  1.00 0.16 ? 4  DA  A H2     1 
ATOM   127 P P      . DC  A 1 5  ? 7.321   -3.631  -3.799  1.00 0.08 ? 5  DC  A P      1 
ATOM   128 O OP1    . DC  A 1 5  ? 7.808   -4.958  -3.359  1.00 1.31 ? 5  DC  A OP1    1 
ATOM   129 O OP2    . DC  A 1 5  ? 5.952   -3.492  -4.345  1.00 1.26 ? 5  DC  A OP2    1 
ATOM   130 O "O5'"  . DC  A 1 5  ? 7.482   -2.595  -2.573  1.00 0.08 ? 5  DC  A "O5'"  1 
ATOM   131 C "C5'"  . DC  A 1 5  ? 8.017   -3.020  -1.314  1.00 0.09 ? 5  DC  A "C5'"  1 
ATOM   132 C "C4'"  . DC  A 1 5  ? 6.928   -3.105  -0.251  1.00 0.13 ? 5  DC  A "C4'"  1 
ATOM   133 O "O4'"  . DC  A 1 5  ? 6.317   -1.818  -0.054  1.00 0.14 ? 5  DC  A "O4'"  1 
ATOM   134 C "C3'"  . DC  A 1 5  ? 5.852   -4.097  -0.663  1.00 0.16 ? 5  DC  A "C3'"  1 
ATOM   135 O "O3'"  . DC  A 1 5  ? 5.755   -5.142  0.314   1.00 0.20 ? 5  DC  A "O3'"  1 
ATOM   136 C "C2'"  . DC  A 1 5  ? 4.571   -3.294  -0.765  1.00 0.17 ? 5  DC  A "C2'"  1 
ATOM   137 C "C1'"  . DC  A 1 5  ? 4.894   -1.899  -0.224  1.00 0.16 ? 5  DC  A "C1'"  1 
ATOM   138 N N1     . DC  A 1 5  ? 4.438   -0.764  -1.082  1.00 0.14 ? 5  DC  A N1     1 
ATOM   139 C C2     . DC  A 1 5  ? 4.397   0.484   -0.464  1.00 0.15 ? 5  DC  A C2     1 
ATOM   140 O O2     . DC  A 1 5  ? 4.703   0.597   0.721   1.00 0.17 ? 5  DC  A O2     1 
ATOM   141 N N3     . DC  A 1 5  ? 4.018   1.563   -1.200  1.00 0.14 ? 5  DC  A N3     1 
ATOM   142 C C4     . DC  A 1 5  ? 3.687   1.438   -2.487  1.00 0.13 ? 5  DC  A C4     1 
ATOM   143 N N4     . DC  A 1 5  ? 3.310   2.519   -3.172  1.00 0.12 ? 5  DC  A N4     1 
ATOM   144 C C5     . DC  A 1 5  ? 3.726   0.164   -3.132  1.00 0.13 ? 5  DC  A C5     1 
ATOM   145 C C6     . DC  A 1 5  ? 4.103   -0.903  -2.406  1.00 0.14 ? 5  DC  A C6     1 
ATOM   146 H "H5'"  . DC  A 1 5  ? 8.775   -2.305  -0.991  1.00 0.09 ? 5  DC  A "H5'"  1 
ATOM   147 H "H5''" . DC  A 1 5  ? 8.479   -4.000  -1.432  1.00 0.08 ? 5  DC  A "H5''" 1 
ATOM   148 H "H4'"  . DC  A 1 5  ? 7.363   -3.430  0.690   1.00 0.16 ? 5  DC  A "H4'"  1 
ATOM   149 H "H3'"  . DC  A 1 5  ? 6.101   -4.526  -1.636  1.00 0.14 ? 5  DC  A "H3'"  1 
ATOM   150 H "H2'"  . DC  A 1 5  ? 4.250   -3.243  -1.798  1.00 0.16 ? 5  DC  A "H2'"  1 
ATOM   151 H "H2''" . DC  A 1 5  ? 3.793   -3.757  -0.156  1.00 0.19 ? 5  DC  A "H2''" 1 
ATOM   152 H "H1'"  . DC  A 1 5  ? 4.429   -1.800  0.751   1.00 0.18 ? 5  DC  A "H1'"  1 
ATOM   153 H H41    . DC  A 1 5  ? 3.281   3.422   -2.720  1.00 0.12 ? 5  DC  A H41    1 
ATOM   154 H H42    . DC  A 1 5  ? 3.055   2.435   -4.147  1.00 0.13 ? 5  DC  A H42    1 
ATOM   155 H H5     . DC  A 1 5  ? 3.457   0.057   -4.177  1.00 0.14 ? 5  DC  A H5     1 
ATOM   156 H H6     . DC  A 1 5  ? 4.145   -1.874  -2.885  1.00 0.15 ? 5  DC  A H6     1 
ATOM   157 P P      . DA  A 1 6  ? 5.120   -6.574  -0.060  1.00 0.23 ? 6  DA  A P      1 
ATOM   158 O OP1    . DA  A 1 6  ? 6.218   -7.471  -0.487  1.00 1.20 ? 6  DA  A OP1    1 
ATOM   159 O OP2    . DA  A 1 6  ? 3.959   -6.352  -0.952  1.00 1.40 ? 6  DA  A OP2    1 
ATOM   160 O "O5'"  . DA  A 1 6  ? 4.568   -7.091  1.361   1.00 0.27 ? 6  DA  A "O5'"  1 
ATOM   161 C "C5'"  . DA  A 1 6  ? 5.474   -7.361  2.439   1.00 0.28 ? 6  DA  A "C5'"  1 
ATOM   162 C "C4'"  . DA  A 1 6  ? 4.782   -7.241  3.793   1.00 0.28 ? 6  DA  A "C4'"  1 
ATOM   163 O "O4'"  . DA  A 1 6  ? 4.172   -5.933  3.928   1.00 0.26 ? 6  DA  A "O4'"  1 
ATOM   164 C "C3'"  . DA  A 1 6  ? 3.678   -8.281  3.928   1.00 0.28 ? 6  DA  A "C3'"  1 
ATOM   165 O "O3'"  . DA  A 1 6  ? 3.663   -8.833  5.255   1.00 0.28 ? 6  DA  A "O3'"  1 
ATOM   166 C "C2'"  . DA  A 1 6  ? 2.413   -7.519  3.638   1.00 0.25 ? 6  DA  A "C2'"  1 
ATOM   167 C "C1'"  . DA  A 1 6  ? 2.733   -6.063  3.952   1.00 0.24 ? 6  DA  A "C1'"  1 
ATOM   168 N N9     . DA  A 1 6  ? 2.099   -5.162  2.972   1.00 0.22 ? 6  DA  A N9     1 
ATOM   169 C C8     . DA  A 1 6  ? 2.234   -5.111  1.626   1.00 0.24 ? 6  DA  A C8     1 
ATOM   170 N N7     . DA  A 1 6  ? 1.544   -4.229  0.991   1.00 0.22 ? 6  DA  A N7     1 
ATOM   171 C C5     . DA  A 1 6  ? 0.856   -3.606  2.035   1.00 0.19 ? 6  DA  A C5     1 
ATOM   172 C C6     . DA  A 1 6  ? -0.072  -2.560  2.063   1.00 0.17 ? 6  DA  A C6     1 
ATOM   173 N N6     . DA  A 1 6  ? -0.449  -1.886  0.945   1.00 0.16 ? 6  DA  A N6     1 
ATOM   174 N N1     . DA  A 1 6  ? -0.558  -2.201  3.293   1.00 0.15 ? 6  DA  A N1     1 
ATOM   175 C C2     . DA  A 1 6  ? -0.147  -2.831  4.391   1.00 0.16 ? 6  DA  A C2     1 
ATOM   176 N N3     . DA  A 1 6  ? 0.726   -3.827  4.463   1.00 0.18 ? 6  DA  A N3     1 
ATOM   177 C C4     . DA  A 1 6  ? 1.190   -4.169  3.245   1.00 0.20 ? 6  DA  A C4     1 
ATOM   178 H "H5'"  . DA  A 1 6  ? 6.299   -6.648  2.398   1.00 0.28 ? 6  DA  A "H5'"  1 
ATOM   179 H "H5''" . DA  A 1 6  ? 5.870   -8.371  2.329   1.00 0.30 ? 6  DA  A "H5''" 1 
ATOM   180 H "H4'"  . DA  A 1 6  ? 5.512   -7.378  4.589   1.00 0.28 ? 6  DA  A "H4'"  1 
ATOM   181 H "H3'"  . DA  A 1 6  ? 3.822   -9.079  3.191   1.00 0.29 ? 6  DA  A "H3'"  1 
ATOM   182 H "H2'"  . DA  A 1 6  ? 2.161   -7.620  2.580   1.00 0.25 ? 6  DA  A "H2'"  1 
ATOM   183 H "H2''" . DA  A 1 6  ? 1.591   -7.881  4.255   1.00 0.24 ? 6  DA  A "H2''" 1 
ATOM   184 H "H1'"  . DA  A 1 6  ? 2.373   -5.809  4.952   1.00 0.23 ? 6  DA  A "H1'"  1 
ATOM   185 H H8     . DA  A 1 6  ? 2.890   -5.797  1.099   1.00 0.26 ? 6  DA  A H8     1 
ATOM   186 H H61    . DA  A 1 6  ? -1.130  -1.145  1.038   1.00 0.14 ? 6  DA  A H61    1 
ATOM   187 H H2     . DA  A 1 6  ? -0.573  -2.492  5.335   1.00 0.15 ? 6  DA  A H2     1 
ATOM   188 P P      . DA  A 1 7  ? 2.385   -9.646  5.816   1.00 0.27 ? 7  DA  A P      1 
ATOM   189 O OP1    . DA  A 1 7  ? 2.779   -10.317 7.075   1.00 1.54 ? 7  DA  A OP1    1 
ATOM   190 O OP2    . DA  A 1 7  ? 1.814   -10.440 4.704   1.00 1.03 ? 7  DA  A OP2    1 
ATOM   191 O "O5'"  . DA  A 1 7  ? 1.349   -8.462  6.176   1.00 0.23 ? 7  DA  A "O5'"  1 
ATOM   192 C "C5'"  . DA  A 1 7  ? 1.702   -7.465  7.140   1.00 0.22 ? 7  DA  A "C5'"  1 
ATOM   193 C "C4'"  . DA  A 1 7  ? 0.497   -6.640  7.588   1.00 0.19 ? 7  DA  A "C4'"  1 
ATOM   194 O "O4'"  . DA  A 1 7  ? 0.060   -5.732  6.545   1.00 0.18 ? 7  DA  A "O4'"  1 
ATOM   195 C "C3'"  . DA  A 1 7  ? -0.683  -7.539  7.938   1.00 0.16 ? 7  DA  A "C3'"  1 
ATOM   196 O "O3'"  . DA  A 1 7  ? -1.208  -7.214  9.232   1.00 0.15 ? 7  DA  A "O3'"  1 
ATOM   197 C "C2'"  . DA  A 1 7  ? -1.685  -7.284  6.854   1.00 0.15 ? 7  DA  A "C2'"  1 
ATOM   198 C "C1'"  . DA  A 1 7  ? -1.356  -5.909  6.329   1.00 0.15 ? 7  DA  A "C1'"  1 
ATOM   199 N N9     . DA  A 1 7  ? -1.704  -5.787  4.902   1.00 0.15 ? 7  DA  A N9     1 
ATOM   200 C C8     . DA  A 1 7  ? -1.442  -6.634  3.883   1.00 0.18 ? 7  DA  A C8     1 
ATOM   201 N N7     . DA  A 1 7  ? -1.854  -6.301  2.705   1.00 0.18 ? 7  DA  A N7     1 
ATOM   202 C C5     . DA  A 1 7  ? -2.474  -5.074  2.962   1.00 0.16 ? 7  DA  A C5     1 
ATOM   203 C C6     . DA  A 1 7  ? -3.135  -4.155  2.139   1.00 0.15 ? 7  DA  A C6     1 
ATOM   204 N N6     . DA  A 1 7  ? -3.297  -4.335  0.828   1.00 0.17 ? 7  DA  A N6     1 
ATOM   205 N N1     . DA  A 1 7  ? -3.625  -3.044  2.719   1.00 0.12 ? 7  DA  A N1     1 
ATOM   206 C C2     . DA  A 1 7  ? -3.476  -2.846  4.030   1.00 0.11 ? 7  DA  A C2     1 
ATOM   207 N N3     . DA  A 1 7  ? -2.870  -3.648  4.900   1.00 0.12 ? 7  DA  A N3     1 
ATOM   208 C C4     . DA  A 1 7  ? -2.387  -4.753  4.297   1.00 0.14 ? 7  DA  A C4     1 
ATOM   209 H "H5'"  . DA  A 1 7  ? 2.440   -6.798  6.700   1.00 0.24 ? 7  DA  A "H5'"  1 
ATOM   210 H "H5''" . DA  A 1 7  ? 2.139   -7.954  8.012   1.00 0.23 ? 7  DA  A "H5''" 1 
ATOM   211 H "H4'"  . DA  A 1 7  ? 0.772   -6.059  8.468   1.00 0.19 ? 7  DA  A "H4'"  1 
ATOM   212 H "H3'"  . DA  A 1 7  ? -0.380  -8.580  7.905   1.00 0.18 ? 7  DA  A "H3'"  1 
ATOM   213 H "H2'"  . DA  A 1 7  ? -1.569  -8.027  6.063   1.00 0.17 ? 7  DA  A "H2'"  1 
ATOM   214 H "H2''" . DA  A 1 7  ? -2.692  -7.310  7.250   1.00 0.13 ? 7  DA  A "H2''" 1 
ATOM   215 H "H1'"  . DA  A 1 7  ? -1.903  -5.169  6.906   1.00 0.13 ? 7  DA  A "H1'"  1 
ATOM   216 H H8     . DA  A 1 7  ? -0.904  -7.565  4.056   1.00 0.20 ? 7  DA  A H8     1 
ATOM   217 H H61    . DA  A 1 7  ? -3.782  -3.640  0.278   1.00 0.16 ? 7  DA  A H61    1 
ATOM   218 H H62    . DA  A 1 7  ? -2.932  -5.166  0.385   1.00 0.19 ? 7  DA  A H62    1 
ATOM   219 H H2     . DA  A 1 7  ? -3.898  -1.926  4.432   1.00 0.10 ? 7  DA  A H2     1 
ATOM   220 P P      . DG  A 1 8  ? -2.519  -7.953  9.813   1.00 0.11 ? 8  DG  A P      1 
ATOM   221 O OP1    . DG  A 1 8  ? -2.320  -8.177  11.262  1.00 1.38 ? 8  DG  A OP1    1 
ATOM   222 O OP2    . DG  A 1 8  ? -2.847  -9.095  8.930   1.00 1.18 ? 8  DG  A OP2    1 
ATOM   223 O "O5'"  . DG  A 1 8  ? -3.657  -6.830  9.627   1.00 0.10 ? 8  DG  A "O5'"  1 
ATOM   224 C "C5'"  . DG  A 1 8  ? -3.554  -5.581  10.319  1.00 0.09 ? 8  DG  A "C5'"  1 
ATOM   225 C "C4'"  . DG  A 1 8  ? -4.718  -4.655  10.000  1.00 0.06 ? 8  DG  A "C4'"  1 
ATOM   226 O "O4'"  . DG  A 1 8  ? -4.693  -4.262  8.607   1.00 0.08 ? 8  DG  A "O4'"  1 
ATOM   227 C "C3'"  . DG  A 1 8  ? -6.056  -5.333  10.270  1.00 0.05 ? 8  DG  A "C3'"  1 
ATOM   228 O "O3'"  . DG  A 1 8  ? -6.889  -4.501  11.086  1.00 0.06 ? 8  DG  A "O3'"  1 
ATOM   229 C "C2'"  . DG  A 1 8  ? -6.647  -5.553  8.907   1.00 0.05 ? 8  DG  A "C2'"  1 
ATOM   230 C "C1'"  . DG  A 1 8  ? -5.977  -4.534  8.014   1.00 0.07 ? 8  DG  A "C1'"  1 
ATOM   231 N N9     . DG  A 1 8  ? -5.834  -5.047  6.637   1.00 0.09 ? 8  DG  A N9     1 
ATOM   232 C C8     . DG  A 1 8  ? -5.244  -6.187  6.202   1.00 0.11 ? 8  DG  A C8     1 
ATOM   233 N N7     . DG  A 1 8  ? -5.249  -6.418  4.932   1.00 0.12 ? 8  DG  A N7     1 
ATOM   234 C C5     . DG  A 1 8  ? -5.928  -5.299  4.444   1.00 0.12 ? 8  DG  A C5     1 
ATOM   235 C C6     . DG  A 1 8  ? -6.263  -4.955  3.109   1.00 0.14 ? 8  DG  A C6     1 
ATOM   236 O O6     . DG  A 1 8  ? -6.023  -5.579  2.079   1.00 0.15 ? 8  DG  A O6     1 
ATOM   237 N N1     . DG  A 1 8  ? -6.945  -3.747  3.049   1.00 0.13 ? 8  DG  A N1     1 
ATOM   238 C C2     . DG  A 1 8  ? -7.270  -2.962  4.138   1.00 0.12 ? 8  DG  A C2     1 
ATOM   239 N N2     . DG  A 1 8  ? -7.930  -1.833  3.875   1.00 0.12 ? 8  DG  A N2     1 
ATOM   240 N N3     . DG  A 1 8  ? -6.957  -3.278  5.398   1.00 0.10 ? 8  DG  A N3     1 
ATOM   241 C C4     . DG  A 1 8  ? -6.291  -4.453  5.481   1.00 0.10 ? 8  DG  A C4     1 
ATOM   242 H "H5'"  . DG  A 1 8  ? -2.632  -5.088  10.024  1.00 0.12 ? 8  DG  A "H5'"  1 
ATOM   243 H "H5''" . DG  A 1 8  ? -3.532  -5.770  11.392  1.00 0.10 ? 8  DG  A "H5''" 1 
ATOM   244 H "H4'"  . DG  A 1 8  ? -4.641  -3.762  10.618  1.00 0.05 ? 8  DG  A "H4'"  1 
ATOM   245 H "H3'"  . DG  A 1 8  ? -5.896  -6.297  10.754  1.00 0.07 ? 8  DG  A "H3'"  1 
ATOM   246 H "H2'"  . DG  A 1 8  ? -6.417  -6.563  8.565   1.00 0.06 ? 8  DG  A "H2'"  1 
ATOM   247 H "H2''" . DG  A 1 8  ? -7.724  -5.395  8.923   1.00 0.05 ? 8  DG  A "H2''" 1 
ATOM   248 H "H1'"  . DG  A 1 8  ? -6.565  -3.620  8.004   1.00 0.08 ? 8  DG  A "H1'"  1 
ATOM   249 H H8     . DG  A 1 8  ? -4.784  -6.884  6.899   1.00 0.11 ? 8  DG  A H8     1 
ATOM   250 H H1     . DG  A 1 8  ? -7.219  -3.439  2.127   1.00 0.15 ? 8  DG  A H1     1 
ATOM   251 H H21    . DG  A 1 8  ? -8.166  -1.595  2.922   1.00 0.14 ? 8  DG  A H21    1 
ATOM   252 H H22    . DG  A 1 8  ? -8.196  -1.217  4.630   1.00 0.12 ? 8  DG  A H22    1 
ATOM   253 P P      . DA  A 1 9  ? -8.398  -4.932  11.443  1.00 0.09 ? 9  DA  A P      1 
ATOM   254 O OP1    . DA  A 1 9  ? -8.744  -4.360  12.763  1.00 1.35 ? 9  DA  A OP1    1 
ATOM   255 O OP2    . DA  A 1 9  ? -8.541  -6.387  11.208  1.00 1.21 ? 9  DA  A OP2    1 
ATOM   256 O "O5'"  . DA  A 1 9  ? -9.244  -4.154  10.318  1.00 0.10 ? 9  DA  A "O5'"  1 
ATOM   257 C "C5'"  . DA  A 1 9  ? -9.341  -2.727  10.348  1.00 0.12 ? 9  DA  A "C5'"  1 
ATOM   258 C "C4'"  . DA  A 1 9  ? -10.387 -2.221  9.364   1.00 0.15 ? 9  DA  A "C4'"  1 
ATOM   259 O "O4'"  . DA  A 1 9  ? -10.000 -2.515  7.998   1.00 0.14 ? 9  DA  A "O4'"  1 
ATOM   260 C "C3'"  . DA  A 1 9  ? -11.719 -2.897  9.623   1.00 0.17 ? 9  DA  A "C3'"  1 
ATOM   261 O "O3'"  . DA  A 1 9  ? -12.775 -1.916  9.623   1.00 0.21 ? 9  DA  A "O3'"  1 
ATOM   262 C "C2'"  . DA  A 1 9  ? -11.841 -3.909  8.510   1.00 0.15 ? 9  DA  A "C2'"  1 
ATOM   263 C "C1'"  . DA  A 1 9  ? -11.002 -3.352  7.379   1.00 0.15 ? 9  DA  A "C1'"  1 
ATOM   264 N N9     . DA  A 1 9  ? -10.356 -4.427  6.605   1.00 0.11 ? 9  DA  A N9     1 
ATOM   265 C C8     . DA  A 1 9  ? -9.678  -5.518  7.040   1.00 0.08 ? 9  DA  A C8     1 
ATOM   266 N N7     . DA  A 1 9  ? -9.186  -6.309  6.145   1.00 0.06 ? 9  DA  A N7     1 
ATOM   267 C C5     . DA  A 1 9  ? -9.581  -5.675  4.962   1.00 0.09 ? 9  DA  A C5     1 
ATOM   268 C C6     . DA  A 1 9  ? -9.389  -5.986  3.610   1.00 0.11 ? 9  DA  A C6     1 
ATOM   269 N N6     . DA  A 1 9  ? -8.724  -7.063  3.196   1.00 0.12 ? 9  DA  A N6     1 
ATOM   270 N N1     . DA  A 1 9  ? -9.911  -5.142  2.702   1.00 0.14 ? 9  DA  A N1     1 
ATOM   271 C C2     . DA  A 1 9  ? -10.584 -4.059  3.095   1.00 0.16 ? 9  DA  A C2     1 
ATOM   272 N N3     . DA  A 1 9  ? -10.824 -3.671  4.342   1.00 0.15 ? 9  DA  A N3     1 
ATOM   273 C C4     . DA  A 1 9  ? -10.291 -4.530  5.234   1.00 0.12 ? 9  DA  A C4     1 
ATOM   274 H "H5'"  . DA  A 1 9  ? -8.373  -2.296  10.096  1.00 0.10 ? 9  DA  A "H5'"  1 
ATOM   275 H "H5''" . DA  A 1 9  ? -9.623  -2.414  11.352  1.00 0.14 ? 9  DA  A "H5''" 1 
ATOM   276 H "H4'"  . DA  A 1 9  ? -10.500 -1.148  9.482   1.00 0.18 ? 9  DA  A "H4'"  1 
ATOM   277 H "H3'"  . DA  A 1 9  ? -11.684 -3.411  10.583  1.00 0.17 ? 9  DA  A "H3'"  1 
ATOM   278 H "H2'"  . DA  A 1 9  ? -11.442 -4.868  8.836   1.00 0.12 ? 9  DA  A "H2'"  1 
ATOM   279 H "H2''" . DA  A 1 9  ? -12.874 -4.019  8.197   1.00 0.17 ? 9  DA  A "H2''" 1 
ATOM   280 H "H1'"  . DA  A 1 9  ? -11.634 -2.753  6.717   1.00 0.18 ? 9  DA  A "H1'"  1 
ATOM   281 H H8     . DA  A 1 9  ? -9.550  -5.716  8.107   1.00 0.07 ? 9  DA  A H8     1 
ATOM   282 H H61    . DA  A 1 9  ? -8.615  -7.242  2.208   1.00 0.82 ? 9  DA  A H61    1 
ATOM   283 H H62    . DA  A 1 9  ? -8.328  -7.702  3.871   1.00 0.94 ? 9  DA  A H62    1 
ATOM   284 H H2     . DA  A 1 9  ? -10.979 -3.421  2.304   1.00 0.19 ? 9  DA  A H2     1 
ATOM   285 P P      . DA  A 1 10 ? -14.233 -2.213  9.005   1.00 0.27 ? 10 DA  A P      1 
ATOM   286 O OP1    . DA  A 1 10 ? -15.145 -1.126  9.427   1.00 1.42 ? 10 DA  A OP1    1 
ATOM   287 O OP2    . DA  A 1 10 ? -14.587 -3.623  9.287   1.00 1.20 ? 10 DA  A OP2    1 
ATOM   288 O "O5'"  . DA  A 1 10 ? -13.959 -2.064  7.425   1.00 0.28 ? 10 DA  A "O5'"  1 
ATOM   289 C "C5'"  . DA  A 1 10 ? -14.650 -1.085  6.646   1.00 0.34 ? 10 DA  A "C5'"  1 
ATOM   290 C "C4'"  . DA  A 1 10 ? -15.599 -1.744  5.657   1.00 0.36 ? 10 DA  A "C4'"  1 
ATOM   291 O "O4'"  . DA  A 1 10 ? -14.875 -2.615  4.763   1.00 0.32 ? 10 DA  A "O4'"  1 
ATOM   292 C "C3'"  . DA  A 1 10 ? -16.646 -2.571  6.387   1.00 0.38 ? 10 DA  A "C3'"  1 
ATOM   293 O "O3'"  . DA  A 1 10 ? -17.960 -2.033  6.167   1.00 0.46 ? 10 DA  A "O3'"  1 
ATOM   294 C "C2'"  . DA  A 1 10 ? -16.522 -3.962  5.829   1.00 0.35 ? 10 DA  A "C2'"  1 
ATOM   295 C "C1'"  . DA  A 1 10 ? -15.529 -3.893  4.689   1.00 0.31 ? 10 DA  A "C1'"  1 
ATOM   296 N N9     . DA  A 1 10 ? -14.546 -4.988  4.761   1.00 0.25 ? 10 DA  A N9     1 
ATOM   297 C C8     . DA  A 1 10 ? -13.986 -5.572  5.843   1.00 0.22 ? 10 DA  A C8     1 
ATOM   298 N N7     . DA  A 1 10 ? -13.128 -6.516  5.637   1.00 0.17 ? 10 DA  A N7     1 
ATOM   299 C C5     . DA  A 1 10 ? -13.107 -6.576  4.239   1.00 0.16 ? 10 DA  A C5     1 
ATOM   300 C C6     . DA  A 1 10 ? -12.399 -7.372  3.328   1.00 0.11 ? 10 DA  A C6     1 
ATOM   301 N N6     . DA  A 1 10 ? -11.532 -8.317  3.699   1.00 0.07 ? 10 DA  A N6     1 
ATOM   302 N N1     . DA  A 1 10 ? -12.623 -7.162  2.020   1.00 0.13 ? 10 DA  A N1     1 
ATOM   303 C C2     . DA  A 1 10 ? -13.489 -6.228  1.624   1.00 0.19 ? 10 DA  A C2     1 
ATOM   304 N N3     . DA  A 1 10 ? -14.209 -5.422  2.394   1.00 0.23 ? 10 DA  A N3     1 
ATOM   305 C C4     . DA  A 1 10 ? -13.969 -5.648  3.700   1.00 0.21 ? 10 DA  A C4     1 
ATOM   306 H "H5'"  . DA  A 1 10 ? -13.922 -0.485  6.098   1.00 0.34 ? 10 DA  A "H5'"  1 
ATOM   307 H "H5''" . DA  A 1 10 ? -15.222 -0.435  7.309   1.00 0.37 ? 10 DA  A "H5''" 1 
ATOM   308 H "H4'"  . DA  A 1 10 ? -16.099 -0.979  5.071   1.00 0.41 ? 10 DA  A "H4'"  1 
ATOM   309 H "H3'"  . DA  A 1 10 ? -16.424 -2.589  7.454   1.00 0.37 ? 10 DA  A "H3'"  1 
ATOM   310 H "H2'"  . DA  A 1 10 ? -16.165 -4.641  6.595   1.00 0.33 ? 10 DA  A "H2'"  1 
ATOM   311 H "H2''" . DA  A 1 10 ? -17.478 -4.292  5.461   1.00 0.39 ? 10 DA  A "H2''" 1 
ATOM   312 H "H1'"  . DA  A 1 10 ? -16.069 -3.961  3.756   1.00 0.34 ? 10 DA  A "H1'"  1 
ATOM   313 H H8     . DA  A 1 10 ? -14.259 -5.257  6.848   1.00 0.24 ? 10 DA  A H8     1 
ATOM   314 H H61    . DA  A 1 10 ? -11.051 -8.864  3.001   1.00 0.05 ? 10 DA  A H61    1 
ATOM   315 H H62    . DA  A 1 10 ? -11.359 -8.485  4.681   1.00 0.08 ? 10 DA  A H62    1 
ATOM   316 H H2     . DA  A 1 10 ? -13.619 -6.112  0.548   1.00 0.21 ? 10 DA  A H2     1 
ATOM   317 P P      . DG  A 1 11 ? -19.283 -2.855  6.593   1.00 0.51 ? 11 DG  A P      1 
ATOM   318 O OP1    . DG  A 1 11 ? -20.403 -1.894  6.719   1.00 1.00 ? 11 DG  A OP1    1 
ATOM   319 O OP2    . DG  A 1 11 ? -18.940 -3.740  7.728   1.00 1.68 ? 11 DG  A OP2    1 
ATOM   320 O "O5'"  . DG  A 1 11 ? -19.552 -3.776  5.297   1.00 0.51 ? 11 DG  A "O5'"  1 
ATOM   321 C "C5'"  . DG  A 1 11 ? -19.970 -3.183  4.063   1.00 0.55 ? 11 DG  A "C5'"  1 
ATOM   322 C "C4'"  . DG  A 1 11 ? -20.069 -4.212  2.939   1.00 0.54 ? 11 DG  A "C4'"  1 
ATOM   323 O "O4'"  . DG  A 1 11 ? -18.788 -4.821  2.672   1.00 0.46 ? 11 DG  A "O4'"  1 
ATOM   324 C "C3'"  . DG  A 1 11 ? -21.046 -5.324  3.292   1.00 0.57 ? 11 DG  A "C3'"  1 
ATOM   325 O "O3'"  . DG  A 1 11 ? -22.271 -5.181  2.567   1.00 0.65 ? 11 DG  A "O3'"  1 
ATOM   326 C "C2'"  . DG  A 1 11 ? -20.346 -6.611  2.929   1.00 0.52 ? 11 DG  A "C2'"  1 
ATOM   327 C "C1'"  . DG  A 1 11 ? -18.964 -6.232  2.435   1.00 0.45 ? 11 DG  A "C1'"  1 
ATOM   328 N N9     . DG  A 1 11 ? -17.919 -7.018  3.114   1.00 0.37 ? 11 DG  A N9     1 
ATOM   329 C C8     . DG  A 1 11 ? -17.651 -7.126  4.431   1.00 0.36 ? 11 DG  A C8     1 
ATOM   330 N N7     . DG  A 1 11 ? -16.671 -7.883  4.788   1.00 0.30 ? 11 DG  A N7     1 
ATOM   331 C C5     . DG  A 1 11 ? -16.214 -8.351  3.554   1.00 0.26 ? 11 DG  A C5     1 
ATOM   332 C C6     . DG  A 1 11 ? -15.146 -9.234  3.259   1.00 0.20 ? 11 DG  A C6     1 
ATOM   333 O O6     . DG  A 1 11 ? -14.376 -9.785  4.041   1.00 0.18 ? 11 DG  A O6     1 
ATOM   334 N N1     . DG  A 1 11 ? -15.023 -9.445  1.891   1.00 0.17 ? 11 DG  A N1     1 
ATOM   335 C C2     . DG  A 1 11 ? -15.828 -8.878  0.922   1.00 0.22 ? 11 DG  A C2     1 
ATOM   336 N N2     . DG  A 1 11 ? -15.555 -9.202  -0.341  1.00 0.20 ? 11 DG  A N2     1 
ATOM   337 N N3     . DG  A 1 11 ? -16.837 -8.044  1.194   1.00 0.29 ? 11 DG  A N3     1 
ATOM   338 C C4     . DG  A 1 11 ? -16.974 -7.825  2.521   1.00 0.30 ? 11 DG  A C4     1 
ATOM   339 H "H5'"  . DG  A 1 11 ? -19.253 -2.414  3.778   1.00 0.53 ? 11 DG  A "H5'"  1 
ATOM   340 H "H5''" . DG  A 1 11 ? -20.947 -2.721  4.206   1.00 0.61 ? 11 DG  A "H5''" 1 
ATOM   341 H "H4'"  . DG  A 1 11 ? -20.416 -3.714  2.033   1.00 0.58 ? 11 DG  A "H4'"  1 
ATOM   342 H "H3'"  . DG  A 1 11 ? -21.243 -5.311  4.367   1.00 0.58 ? 11 DG  A "H3'"  1 
ATOM   343 H "HO3'" . DG  A 1 11 ? -22.633 -4.319  2.786   1.00 0.66 ? 11 DG  A "HO3'" 1 
ATOM   344 H "H2'"  . DG  A 1 11 ? -20.261 -7.251  3.801   1.00 0.51 ? 11 DG  A "H2'"  1 
ATOM   345 H "H2''" . DG  A 1 11 ? -20.896 -7.127  2.141   1.00 0.55 ? 11 DG  A "H2''" 1 
ATOM   346 H "H1'"  . DG  A 1 11 ? -18.911 -6.424  1.374   1.00 0.45 ? 11 DG  A "H1'"  1 
ATOM   347 H H8     . DG  A 1 11 ? -18.247 -6.594  5.160   1.00 0.40 ? 11 DG  A H8     1 
ATOM   348 H H1     . DG  A 1 11 ? -14.282 -10.069 1.604   1.00 0.13 ? 11 DG  A H1     1 
ATOM   349 H H21    . DG  A 1 11 ? -14.794 -9.833  -0.548  1.00 0.15 ? 11 DG  A H21    1 
ATOM   350 H H22    . DG  A 1 11 ? -16.110 -8.818  -1.092  1.00 0.25 ? 11 DG  A H22    1 
ATOM   351 O "O5'"  . DC  B 2 1  ? -11.057 -17.028 -1.219  1.00 0.30 ? 12 DC  B "O5'"  1 
ATOM   352 C "C5'"  . DC  B 2 1  ? -12.080 -17.162 -2.211  1.00 0.24 ? 12 DC  B "C5'"  1 
ATOM   353 C "C4'"  . DC  B 2 1  ? -12.428 -15.820 -2.843  1.00 0.15 ? 12 DC  B "C4'"  1 
ATOM   354 O "O4'"  . DC  B 2 1  ? -13.173 -14.988 -1.917  1.00 0.15 ? 12 DC  B "O4'"  1 
ATOM   355 C "C3'"  . DC  B 2 1  ? -11.165 -15.070 -3.242  1.00 0.15 ? 12 DC  B "C3'"  1 
ATOM   356 O "O3'"  . DC  B 2 1  ? -11.168 -14.775 -4.647  1.00 0.13 ? 12 DC  B "O3'"  1 
ATOM   357 C "C2'"  . DC  B 2 1  ? -11.169 -13.821 -2.409  1.00 0.13 ? 12 DC  B "C2'"  1 
ATOM   358 C "C1'"  . DC  B 2 1  ? -12.561 -13.687 -1.829  1.00 0.10 ? 12 DC  B "C1'"  1 
ATOM   359 N N1     . DC  B 2 1  ? -12.514 -13.202 -0.428  1.00 0.13 ? 12 DC  B N1     1 
ATOM   360 C C2     . DC  B 2 1  ? -13.232 -12.054 -0.121  1.00 0.10 ? 12 DC  B C2     1 
ATOM   361 O O2     . DC  B 2 1  ? -13.880 -11.475 -0.992  1.00 0.09 ? 12 DC  B O2     1 
ATOM   362 N N3     . DC  B 2 1  ? -13.194 -11.592 1.160   1.00 0.12 ? 12 DC  B N3     1 
ATOM   363 C C4     . DC  B 2 1  ? -12.483 -12.227 2.102   1.00 0.18 ? 12 DC  B C4     1 
ATOM   364 N N4     . DC  B 2 1  ? -12.468 -11.750 3.346   1.00 0.20 ? 12 DC  B N4     1 
ATOM   365 C C5     . DC  B 2 1  ? -11.744 -13.408 1.791   1.00 0.22 ? 12 DC  B C5     1 
ATOM   366 C C6     . DC  B 2 1  ? -11.786 -13.858 0.524   1.00 0.20 ? 12 DC  B C6     1 
ATOM   367 H "H5'"  . DC  B 2 1  ? -12.970 -17.567 -1.742  1.00 0.28 ? 12 DC  B "H5'"  1 
ATOM   368 H "H5''" . DC  B 2 1  ? -11.738 -17.849 -2.991  1.00 0.25 ? 12 DC  B "H5''" 1 
ATOM   369 H "H4'"  . DC  B 2 1  ? -13.036 -15.992 -3.732  1.00 0.13 ? 12 DC  B "H4'"  1 
ATOM   370 H "H3'"  . DC  B 2 1  ? -10.283 -15.660 -2.989  1.00 0.21 ? 12 DC  B "H3'"  1 
ATOM   371 H "H2'"  . DC  B 2 1  ? -10.442 -13.924 -1.610  1.00 0.18 ? 12 DC  B "H2'"  1 
ATOM   372 H "H2''" . DC  B 2 1  ? -10.934 -12.964 -3.018  1.00 0.13 ? 12 DC  B "H2''" 1 
ATOM   373 H "H1'"  . DC  B 2 1  ? -13.133 -12.977 -2.435  1.00 0.07 ? 12 DC  B "H1'"  1 
ATOM   374 H H41    . DC  B 2 1  ? -12.988 -10.915 3.575   1.00 0.17 ? 12 DC  B H41    1 
ATOM   375 H H42    . DC  B 2 1  ? -11.935 -12.224 4.061   1.00 0.25 ? 12 DC  B H42    1 
ATOM   376 H H5     . DC  B 2 1  ? -11.164 -13.928 2.555   1.00 0.28 ? 12 DC  B H5     1 
ATOM   377 H H6     . DC  B 2 1  ? -11.234 -14.754 0.258   1.00 0.24 ? 12 DC  B H6     1 
ATOM   378 H "HO5'" . DC  B 2 1  ? -10.882 -17.905 -0.871  1.00 0.36 ? 12 DC  B "HO5'" 1 
ATOM   379 P P      . DT  B 2 2  ? -10.132 -13.718 -5.288  1.00 0.17 ? 13 DT  B P      1 
ATOM   380 O OP1    . DT  B 2 2  ? -9.958  -14.048 -6.720  1.00 1.21 ? 13 DT  B OP1    1 
ATOM   381 O OP2    . DT  B 2 2  ? -8.950  -13.623 -4.402  1.00 1.38 ? 13 DT  B OP2    1 
ATOM   382 O "O5'"  . DT  B 2 2  ? -10.953 -12.338 -5.184  1.00 0.15 ? 13 DT  B "O5'"  1 
ATOM   383 C "C5'"  . DT  B 2 2  ? -12.289 -12.263 -5.690  1.00 0.13 ? 13 DT  B "C5'"  1 
ATOM   384 C "C4'"  . DT  B 2 2  ? -12.911 -10.893 -5.458  1.00 0.14 ? 13 DT  B "C4'"  1 
ATOM   385 O "O4'"  . DT  B 2 2  ? -13.203 -10.693 -4.057  1.00 0.10 ? 13 DT  B "O4'"  1 
ATOM   386 C "C3'"  . DT  B 2 2  ? -11.965 -9.793  -5.910  1.00 0.19 ? 13 DT  B "C3'"  1 
ATOM   387 O "O3'"  . DT  B 2 2  ? -12.560 -8.986  -6.931  1.00 0.23 ? 13 DT  B "O3'"  1 
ATOM   388 C "C2'"  . DT  B 2 2  ? -11.680 -8.981  -4.676  1.00 0.19 ? 13 DT  B "C2'"  1 
ATOM   389 C "C1'"  . DT  B 2 2  ? -12.666 -9.431  -3.619  1.00 0.13 ? 13 DT  B "C1'"  1 
ATOM   390 N N1     . DT  B 2 2  ? -12.015 -9.562  -2.299  1.00 0.10 ? 13 DT  B N1     1 
ATOM   391 C C2     . DT  B 2 2  ? -12.450 -8.735  -1.279  1.00 0.11 ? 13 DT  B C2     1 
ATOM   392 O O2     . DT  B 2 2  ? -13.344 -7.907  -1.436  1.00 0.17 ? 13 DT  B O2     1 
ATOM   393 N N3     . DT  B 2 2  ? -11.826 -8.903  -0.058  1.00 0.08 ? 13 DT  B N3     1 
ATOM   394 C C4     . DT  B 2 2  ? -10.825 -9.813  0.231   1.00 0.05 ? 13 DT  B C4     1 
ATOM   395 O O4     . DT  B 2 2  ? -10.333 -9.859  1.358   1.00 0.05 ? 13 DT  B O4     1 
ATOM   396 C C5     . DT  B 2 2  ? -10.440 -10.637 -0.898  1.00 0.08 ? 13 DT  B C5     1 
ATOM   397 C C7     . DT  B 2 2  ? -9.324  -11.670 -0.740  1.00 0.16 ? 13 DT  B C7     1 
ATOM   398 C C6     . DT  B 2 2  ? -11.031 -10.483 -2.100  1.00 0.09 ? 13 DT  B C6     1 
ATOM   399 H "H5'"  . DT  B 2 2  ? -12.894 -13.010 -5.187  1.00 0.10 ? 13 DT  B "H5'"  1 
ATOM   400 H "H5''" . DT  B 2 2  ? -12.277 -12.472 -6.760  1.00 0.17 ? 13 DT  B "H5''" 1 
ATOM   401 H "H4'"  . DT  B 2 2  ? -13.835 -10.819 -6.026  1.00 0.15 ? 13 DT  B "H4'"  1 
ATOM   402 H "H3'"  . DT  B 2 2  ? -11.037 -10.235 -6.276  1.00 0.21 ? 13 DT  B "H3'"  1 
ATOM   403 H "H2'"  . DT  B 2 2  ? -10.670 -9.178  -4.344  1.00 0.19 ? 13 DT  B "H2'"  1 
ATOM   404 H "H2''" . DT  B 2 2  ? -11.807 -7.924  -4.879  1.00 0.23 ? 13 DT  B "H2''" 1 
ATOM   405 H "H1'"  . DT  B 2 2  ? -13.474 -8.710  -3.549  1.00 0.16 ? 13 DT  B "H1'"  1 
ATOM   406 H H3     . DT  B 2 2  ? -12.132 -8.306  0.696   1.00 0.10 ? 13 DT  B H3     1 
ATOM   407 H H71    . DT  B 2 2  ? -9.123  -11.945 0.254   1.00 0.94 ? 13 DT  B H71    1 
ATOM   408 H H72    . DT  B 2 2  ? -8.629  -11.309 -0.921  1.00 0.89 ? 13 DT  B H72    1 
ATOM   409 H H73    . DT  B 2 2  ? -9.316  -12.417 -1.476  1.00 0.93 ? 13 DT  B H73    1 
ATOM   410 H H6     . DT  B 2 2  ? -10.705 -11.091 -2.939  1.00 0.13 ? 13 DT  B H6     1 
ATOM   411 P P      . DT  B 2 3  ? -11.766 -7.725  -7.544  1.00 0.29 ? 14 DT  B P      1 
ATOM   412 O OP1    . DT  B 2 3  ? -12.481 -7.269  -8.756  1.00 1.06 ? 14 DT  B OP1    1 
ATOM   413 O OP2    . DT  B 2 3  ? -10.328 -8.072  -7.621  1.00 1.53 ? 14 DT  B OP2    1 
ATOM   414 O "O5'"  . DT  B 2 3  ? -11.955 -6.614  -6.394  1.00 0.29 ? 14 DT  B "O5'"  1 
ATOM   415 C "C5'"  . DT  B 2 3  ? -13.252 -6.080  -6.115  1.00 0.29 ? 14 DT  B "C5'"  1 
ATOM   416 C "C4'"  . DT  B 2 3  ? -13.201 -4.978  -5.062  1.00 0.30 ? 14 DT  B "C4'"  1 
ATOM   417 O "O4'"  . DT  B 2 3  ? -12.975 -5.517  -3.742  1.00 0.26 ? 14 DT  B "O4'"  1 
ATOM   418 C "C3'"  . DT  B 2 3  ? -12.076 -3.999  -5.359  1.00 0.34 ? 14 DT  B "C3'"  1 
ATOM   419 O "O3'"  . DT  B 2 3  ? -12.593 -2.758  -5.856  1.00 0.38 ? 14 DT  B "O3'"  1 
ATOM   420 C "C2'"  . DT  B 2 3  ? -11.354 -3.805  -4.049  1.00 0.30 ? 14 DT  B "C2'"  1 
ATOM   421 C "C1'"  . DT  B 2 3  ? -12.082 -4.645  -3.021  1.00 0.26 ? 14 DT  B "C1'"  1 
ATOM   422 N N1     . DT  B 2 3  ? -11.145 -5.415  -2.176  1.00 0.23 ? 14 DT  B N1     1 
ATOM   423 C C2     . DT  B 2 3  ? -11.050 -5.066  -0.839  1.00 0.22 ? 14 DT  B C2     1 
ATOM   424 O O2     . DT  B 2 3  ? -11.712 -4.155  -0.349  1.00 0.22 ? 14 DT  B O2     1 
ATOM   425 N N3     . DT  B 2 3  ? -10.173 -5.812  -0.080  1.00 0.20 ? 14 DT  B N3     1 
ATOM   426 C C4     . DT  B 2 3  ? -9.395  -6.863  -0.527  1.00 0.20 ? 14 DT  B C4     1 
ATOM   427 O O4     . DT  B 2 3  ? -8.636  -7.446  0.243   1.00 0.19 ? 14 DT  B O4     1 
ATOM   428 C C5     . DT  B 2 3  ? -9.562  -7.162  -1.932  1.00 0.21 ? 14 DT  B C5     1 
ATOM   429 C C7     . DT  B 2 3  ? -8.743  -8.288  -2.562  1.00 0.22 ? 14 DT  B C7     1 
ATOM   430 C C6     . DT  B 2 3  ? -10.411 -6.440  -2.699  1.00 0.23 ? 14 DT  B C6     1 
ATOM   431 H "H5'"  . DT  B 2 3  ? -13.894 -6.881  -5.755  1.00 0.27 ? 14 DT  B "H5'"  1 
ATOM   432 H "H5''" . DT  B 2 3  ? -13.672 -5.672  -7.034  1.00 0.32 ? 14 DT  B "H5''" 1 
ATOM   433 H "H4'"  . DT  B 2 3  ? -14.148 -4.440  -5.066  1.00 0.32 ? 14 DT  B "H4'"  1 
ATOM   434 H "H3'"  . DT  B 2 3  ? -11.391 -4.438  -6.085  1.00 0.35 ? 14 DT  B "H3'"  1 
ATOM   435 H "H2'"  . DT  B 2 3  ? -10.323 -4.137  -4.144  1.00 0.29 ? 14 DT  B "H2'"  1 
ATOM   436 H "H2''" . DT  B 2 3  ? -11.388 -2.757  -3.759  1.00 0.30 ? 14 DT  B "H2''" 1 
ATOM   437 H "H1'"  . DT  B 2 3  ? -12.664 -3.986  -2.387  1.00 0.26 ? 14 DT  B "H1'"  1 
ATOM   438 H H3     . DT  B 2 3  ? -10.095 -5.568  0.897   1.00 0.18 ? 14 DT  B H3     1 
ATOM   439 H H71    . DT  B 2 3  ? -9.128  -8.654  -3.462  1.00 0.50 ? 14 DT  B H71    1 
ATOM   440 H H72    . DT  B 2 3  ? -8.346  -8.975  -1.870  1.00 0.41 ? 14 DT  B H72    1 
ATOM   441 H H73    . DT  B 2 3  ? -8.060  -7.968  -2.840  1.00 0.59 ? 14 DT  B H73    1 
ATOM   442 H H6     . DT  B 2 3  ? -10.509 -6.668  -3.757  1.00 0.24 ? 14 DT  B H6     1 
ATOM   443 P P      . DC  B 2 4  ? -11.612 -1.509  -6.120  1.00 0.41 ? 15 DC  B P      1 
ATOM   444 O OP1    . DC  B 2 4  ? -12.358 -0.486  -6.886  1.00 1.70 ? 15 DC  B OP1    1 
ATOM   445 O OP2    . DC  B 2 4  ? -10.325 -2.027  -6.638  1.00 0.89 ? 15 DC  B OP2    1 
ATOM   446 O "O5'"  . DC  B 2 4  ? -11.369 -0.949  -4.631  1.00 0.35 ? 15 DC  B "O5'"  1 
ATOM   447 C "C5'"  . DC  B 2 4  ? -12.466 -0.462  -3.853  1.00 0.33 ? 15 DC  B "C5'"  1 
ATOM   448 C "C4'"  . DC  B 2 4  ? -12.002 0.105   -2.515  1.00 0.28 ? 15 DC  B "C4'"  1 
ATOM   449 O "O4'"  . DC  B 2 4  ? -11.480 -0.933  -1.642  1.00 0.24 ? 15 DC  B "O4'"  1 
ATOM   450 C "C3'"  . DC  B 2 4  ? -10.897 1.134   -2.720  1.00 0.26 ? 15 DC  B "C3'"  1 
ATOM   451 O "O3'"  . DC  B 2 4  ? -11.226 2.366   -2.070  1.00 0.25 ? 15 DC  B "O3'"  1 
ATOM   452 C "C2'"  . DC  B 2 4  ? -9.668  0.495   -2.123  1.00 0.23 ? 15 DC  B "C2'"  1 
ATOM   453 C "C1'"  . DC  B 2 4  ? -10.192 -0.522  -1.136  1.00 0.22 ? 15 DC  B "C1'"  1 
ATOM   454 N N1     . DC  B 2 4  ? -9.267  -1.669  -1.010  1.00 0.21 ? 15 DC  B N1     1 
ATOM   455 C C2     . DC  B 2 4  ? -8.779  -1.979  0.254   1.00 0.18 ? 15 DC  B C2     1 
ATOM   456 O O2     . DC  B 2 4  ? -9.115  -1.313  1.233   1.00 0.16 ? 15 DC  B O2     1 
ATOM   457 N N3     . DC  B 2 4  ? -7.924  -3.032  0.374   1.00 0.17 ? 15 DC  B N3     1 
ATOM   458 C C4     . DC  B 2 4  ? -7.562  -3.751  -0.698  1.00 0.20 ? 15 DC  B C4     1 
ATOM   459 N N4     . DC  B 2 4  ? -6.724  -4.777  -0.548  1.00 0.20 ? 15 DC  B N4     1 
ATOM   460 C C5     . DC  B 2 4  ? -8.062  -3.434  -1.998  1.00 0.23 ? 15 DC  B C5     1 
ATOM   461 C C6     . DC  B 2 4  ? -8.907  -2.391  -2.107  1.00 0.23 ? 15 DC  B C6     1 
ATOM   462 H "H5'"  . DC  B 2 4  ? -13.166 -1.279  -3.670  1.00 0.34 ? 15 DC  B "H5'"  1 
ATOM   463 H "H5''" . DC  B 2 4  ? -12.975 0.322   -4.413  1.00 0.37 ? 15 DC  B "H5''" 1 
ATOM   464 H "H4'"  . DC  B 2 4  ? -12.847 0.588   -2.023  1.00 0.28 ? 15 DC  B "H4'"  1 
ATOM   465 H "H3'"  . DC  B 2 4  ? -10.741 1.301   -3.789  1.00 0.29 ? 15 DC  B "H3'"  1 
ATOM   466 H "H2'"  . DC  B 2 4  ? -9.090  0.001   -2.903  1.00 0.25 ? 15 DC  B "H2'"  1 
ATOM   467 H "H2''" . DC  B 2 4  ? -9.054  1.230   -1.616  1.00 0.21 ? 15 DC  B "H2''" 1 
ATOM   468 H "H1'"  . DC  B 2 4  ? -10.320 -0.046  -0.161  1.00 0.20 ? 15 DC  B "H1'"  1 
ATOM   469 H H41    . DC  B 2 4  ? -6.366  -5.009  0.368   1.00 0.18 ? 15 DC  B H41    1 
ATOM   470 H H42    . DC  B 2 4  ? -6.448  -5.323  -1.350  1.00 0.22 ? 15 DC  B H42    1 
ATOM   471 H H5     . DC  B 2 4  ? -7.766  -4.015  -2.871  1.00 0.25 ? 15 DC  B H5     1 
ATOM   472 H H6     . DC  B 2 4  ? -9.309  -2.118  -3.081  1.00 0.26 ? 15 DC  B H6     1 
ATOM   473 P P      . DT  B 2 5  ? -10.206 3.610   -2.091  1.00 0.22 ? 16 DT  B P      1 
ATOM   474 O OP1    . DT  B 2 5  ? -10.987 4.855   -1.924  1.00 1.51 ? 16 DT  B OP1    1 
ATOM   475 O OP2    . DT  B 2 5  ? -9.302  3.456   -3.254  1.00 1.06 ? 16 DT  B OP2    1 
ATOM   476 O "O5'"  . DT  B 2 5  ? -9.350  3.362   -0.754  1.00 0.18 ? 16 DT  B "O5'"  1 
ATOM   477 C "C5'"  . DT  B 2 5  ? -9.951  3.538   0.532   1.00 0.16 ? 16 DT  B "C5'"  1 
ATOM   478 C "C4'"  . DT  B 2 5  ? -8.903  3.534   1.635   1.00 0.12 ? 16 DT  B "C4'"  1 
ATOM   479 O "O4'"  . DT  B 2 5  ? -8.329  2.217   1.803   1.00 0.11 ? 16 DT  B "O4'"  1 
ATOM   480 C "C3'"  . DT  B 2 5  ? -7.783  4.501   1.301   1.00 0.10 ? 16 DT  B "C3'"  1 
ATOM   481 O "O3'"  . DT  B 2 5  ? -7.668  5.523   2.297   1.00 0.09 ? 16 DT  B "O3'"  1 
ATOM   482 C "C2'"  . DT  B 2 5  ? -6.531  3.660   1.237   1.00 0.10 ? 16 DT  B "C2'"  1 
ATOM   483 C "C1'"  . DT  B 2 5  ? -6.895  2.323   1.854   1.00 0.10 ? 16 DT  B "C1'"  1 
ATOM   484 N N1     . DT  B 2 5  ? -6.244  1.202   1.138   1.00 0.13 ? 16 DT  B N1     1 
ATOM   485 C C2     . DT  B 2 5  ? -5.433  0.355   1.879   1.00 0.12 ? 16 DT  B C2     1 
ATOM   486 O O2     . DT  B 2 5  ? -5.246  0.509   3.084   1.00 0.10 ? 16 DT  B O2     1 
ATOM   487 N N3     . DT  B 2 5  ? -4.833  -0.675  1.181   1.00 0.15 ? 16 DT  B N3     1 
ATOM   488 C C4     . DT  B 2 5  ? -4.964  -0.929  -0.170  1.00 0.18 ? 16 DT  B C4     1 
ATOM   489 O O4     . DT  B 2 5  ? -4.393  -1.891  -0.681  1.00 0.21 ? 16 DT  B O4     1 
ATOM   490 C C5     . DT  B 2 5  ? -5.824  0.008   -0.864  1.00 0.19 ? 16 DT  B C5     1 
ATOM   491 C C7     . DT  B 2 5  ? -6.076  -0.166  -2.357  1.00 0.22 ? 16 DT  B C7     1 
ATOM   492 C C6     . DT  B 2 5  ? -6.427  1.018   -0.208  1.00 0.16 ? 16 DT  B C6     1 
ATOM   493 H "H5'"  . DT  B 2 5  ? -10.661 2.731   0.711   1.00 0.17 ? 16 DT  B "H5'"  1 
ATOM   494 H "H5''" . DT  B 2 5  ? -10.481 4.491   0.550   1.00 0.17 ? 16 DT  B "H5''" 1 
ATOM   495 H "H4'"  . DT  B 2 5  ? -9.365  3.841   2.565   1.00 0.11 ? 16 DT  B "H4'"  1 
ATOM   496 H "H3'"  . DT  B 2 5  ? -7.981  4.952   0.330   1.00 0.12 ? 16 DT  B "H3'"  1 
ATOM   497 H "H2'"  . DT  B 2 5  ? -6.231  3.522   0.194   1.00 0.12 ? 16 DT  B "H2'"  1 
ATOM   498 H "H2''" . DT  B 2 5  ? -5.724  4.132   1.802   1.00 0.09 ? 16 DT  B "H2''" 1 
ATOM   499 H "H1'"  . DT  B 2 5  ? -6.575  2.316   2.897   1.00 0.08 ? 16 DT  B "H1'"  1 
ATOM   500 H H3     . DT  B 2 5  ? -4.244  -1.304  1.709   1.00 0.15 ? 16 DT  B H3     1 
ATOM   501 H H71    . DT  B 2 5  ? -5.367  -0.767  -2.849  1.00 0.24 ? 16 DT  B H71    1 
ATOM   502 H H72    . DT  B 2 5  ? -6.420  0.695   -2.841  1.00 0.23 ? 16 DT  B H72    1 
ATOM   503 H H73    . DT  B 2 5  ? -6.729  -0.626  -2.443  1.00 0.23 ? 16 DT  B H73    1 
ATOM   504 H H6     . DT  B 2 5  ? -7.088  1.691   -0.758  1.00 0.17 ? 16 DT  B H6     1 
ATOM   505 P P      . DT  B 2 6  ? -6.828  6.866   2.000   1.00 0.09 ? 17 DT  B P      1 
ATOM   506 O OP1    . DT  B 2 6  ? -7.584  8.016   2.544   1.00 1.32 ? 17 DT  B OP1    1 
ATOM   507 O OP2    . DT  B 2 6  ? -6.423  6.859   0.576   1.00 1.25 ? 17 DT  B OP2    1 
ATOM   508 O "O5'"  . DT  B 2 6  ? -5.506  6.657   2.895   1.00 0.10 ? 17 DT  B "O5'"  1 
ATOM   509 C "C5'"  . DT  B 2 6  ? -5.417  7.228   4.203   1.00 0.08 ? 17 DT  B "C5'"  1 
ATOM   510 C "C4'"  . DT  B 2 6  ? -4.021  7.071   4.795   1.00 0.09 ? 17 DT  B "C4'"  1 
ATOM   511 O "O4'"  . DT  B 2 6  ? -3.685  5.677   4.971   1.00 0.12 ? 17 DT  B "O4'"  1 
ATOM   512 C "C3'"  . DT  B 2 6  ? -2.965  7.698   3.887   1.00 0.10 ? 17 DT  B "C3'"  1 
ATOM   513 O "O3'"  . DT  B 2 6  ? -2.313  8.789   4.552   1.00 0.10 ? 17 DT  B "O3'"  1 
ATOM   514 C "C2'"  . DT  B 2 6  ? -1.989  6.584   3.581   1.00 0.12 ? 17 DT  B "C2'"  1 
ATOM   515 C "C1'"  . DT  B 2 6  ? -2.330  5.456   4.543   1.00 0.13 ? 17 DT  B "C1'"  1 
ATOM   516 N N1     . DT  B 2 6  ? -2.169  4.095   3.956   1.00 0.15 ? 17 DT  B N1     1 
ATOM   517 C C2     . DT  B 2 6  ? -1.716  3.101   4.811   1.00 0.17 ? 17 DT  B C2     1 
ATOM   518 O O2     . DT  B 2 6  ? -1.445  3.323   5.991   1.00 0.17 ? 17 DT  B O2     1 
ATOM   519 N N3     . DT  B 2 6  ? -1.578  1.840   4.263   1.00 0.19 ? 17 DT  B N3     1 
ATOM   520 C C4     . DT  B 2 6  ? -1.845  1.485   2.954   1.00 0.20 ? 17 DT  B C4     1 
ATOM   521 O O4     . DT  B 2 6  ? -1.698  0.325   2.576   1.00 0.22 ? 17 DT  B O4     1 
ATOM   522 C C5     . DT  B 2 6  ? -2.307  2.580   2.132   1.00 0.18 ? 17 DT  B C5     1 
ATOM   523 C C7     . DT  B 2 6  ? -2.656  2.320   0.670   1.00 0.20 ? 17 DT  B C7     1 
ATOM   524 C C6     . DT  B 2 6  ? -2.456  3.822   2.642   1.00 0.16 ? 17 DT  B C6     1 
ATOM   525 H "H5'"  . DT  B 2 6  ? -6.138  6.736   4.857   1.00 0.08 ? 17 DT  B "H5'"  1 
ATOM   526 H "H5''" . DT  B 2 6  ? -5.660  8.289   4.144   1.00 0.07 ? 17 DT  B "H5''" 1 
ATOM   527 H "H4'"  . DT  B 2 6  ? -3.991  7.565   5.765   1.00 0.09 ? 17 DT  B "H4'"  1 
ATOM   528 H "H3'"  . DT  B 2 6  ? -3.432  8.049   2.963   1.00 0.09 ? 17 DT  B "H3'"  1 
ATOM   529 H "H2'"  . DT  B 2 6  ? -2.107  6.259   2.550   1.00 0.12 ? 17 DT  B "H2'"  1 
ATOM   530 H "H2''" . DT  B 2 6  ? -0.972  6.923   3.755   1.00 0.12 ? 17 DT  B "H2''" 1 
ATOM   531 H "H1'"  . DT  B 2 6  ? -1.675  5.541   5.407   1.00 0.13 ? 17 DT  B "H1'"  1 
ATOM   532 H H3     . DT  B 2 6  ? -1.250  1.108   4.877   1.00 0.21 ? 17 DT  B H3     1 
ATOM   533 H H71    . DT  B 2 6  ? -2.656  3.172   0.068   1.00 0.18 ? 17 DT  B H71    1 
ATOM   534 H H72    . DT  B 2 6  ? -3.439  2.143   0.631   1.00 0.20 ? 17 DT  B H72    1 
ATOM   535 H H73    . DT  B 2 6  ? -2.249  1.428   0.281   1.00 0.22 ? 17 DT  B H73    1 
ATOM   536 H H6     . DT  B 2 6  ? -2.820  4.612   1.998   1.00 0.15 ? 17 DT  B H6     1 
ATOM   537 P P      . DG  B 2 7  ? -1.235  9.716   3.787   1.00 0.10 ? 18 DG  B P      1 
ATOM   538 O OP1    . DG  B 2 7  ? -1.172  11.020  4.482   1.00 1.20 ? 18 DG  B OP1    1 
ATOM   539 O OP2    . DG  B 2 7  ? -1.524  9.667   2.336   1.00 1.36 ? 18 DG  B OP2    1 
ATOM   540 O "O5'"  . DG  B 2 7  ? 0.152   8.940   4.052   1.00 0.11 ? 18 DG  B "O5'"  1 
ATOM   541 C "C5'"  . DG  B 2 7  ? 0.466   8.442   5.356   1.00 0.11 ? 18 DG  B "C5'"  1 
ATOM   542 C "C4'"  . DG  B 2 7  ? 1.952   8.139   5.506   1.00 0.11 ? 18 DG  B "C4'"  1 
ATOM   543 O "O4'"  . DG  B 2 7  ? 2.372   7.162   4.523   1.00 0.10 ? 18 DG  B "O4'"  1 
ATOM   544 C "C3'"  . DG  B 2 7  ? 2.785   9.390   5.304   1.00 0.11 ? 18 DG  B "C3'"  1 
ATOM   545 O "O3'"  . DG  B 2 7  ? 3.807   9.470   6.324   1.00 0.11 ? 18 DG  B "O3'"  1 
ATOM   546 C "C2'"  . DG  B 2 7  ? 3.349   9.222   3.922   1.00 0.11 ? 18 DG  B "C2'"  1 
ATOM   547 C "C1'"  . DG  B 2 7  ? 3.418   7.725   3.710   1.00 0.11 ? 18 DG  B "C1'"  1 
ATOM   548 N N9     . DG  B 2 7  ? 3.226   7.359   2.291   1.00 0.11 ? 18 DG  B N9     1 
ATOM   549 C C8     . DG  B 2 7  ? 2.567   8.018   1.304   1.00 0.10 ? 18 DG  B C8     1 
ATOM   550 N N7     . DG  B 2 7  ? 2.535   7.468   0.135   1.00 0.10 ? 18 DG  B N7     1 
ATOM   551 C C5     . DG  B 2 7  ? 3.259   6.292   0.352   1.00 0.11 ? 18 DG  B C5     1 
ATOM   552 C C6     . DG  B 2 7  ? 3.580   5.241   -0.549  1.00 0.11 ? 18 DG  B C6     1 
ATOM   553 O O6     . DG  B 2 7  ? 3.290   5.137   -1.739  1.00 0.11 ? 18 DG  B O6     1 
ATOM   554 N N1     . DG  B 2 7  ? 4.318   4.245   0.074   1.00 0.12 ? 18 DG  B N1     1 
ATOM   555 C C2     . DG  B 2 7  ? 4.705   4.250   1.399   1.00 0.12 ? 18 DG  B C2     1 
ATOM   556 N N2     . DG  B 2 7  ? 5.413   3.198   1.813   1.00 0.12 ? 18 DG  B N2     1 
ATOM   557 N N3     . DG  B 2 7  ? 4.406   5.233   2.255   1.00 0.11 ? 18 DG  B N3     1 
ATOM   558 C C4     . DG  B 2 7  ? 3.685   6.217   1.670   1.00 0.11 ? 18 DG  B C4     1 
ATOM   559 H "H5'"  . DG  B 2 7  ? -0.095  7.528   5.522   1.00 0.11 ? 18 DG  B "H5'"  1 
ATOM   560 H "H5''" . DG  B 2 7  ? 0.174   9.181   6.102   1.00 0.11 ? 18 DG  B "H5''" 1 
ATOM   561 H "H4'"  . DG  B 2 7  ? 2.144   7.747   6.495   1.00 0.10 ? 18 DG  B "H4'"  1 
ATOM   562 H "H3'"  . DG  B 2 7  ? 2.144   10.270  5.343   1.00 0.11 ? 18 DG  B "H3'"  1 
ATOM   563 H "H2'"  . DG  B 2 7  ? 2.674   9.668   3.199   1.00 0.11 ? 18 DG  B "H2'"  1 
ATOM   564 H "H2''" . DG  B 2 7  ? 4.329   9.670   3.848   1.00 0.11 ? 18 DG  B "H2''" 1 
ATOM   565 H "H1'"  . DG  B 2 7  ? 4.380   7.357   4.056   1.00 0.11 ? 18 DG  B "H1'"  1 
ATOM   566 H H8     . DG  B 2 7  ? 2.073   8.971   1.495   1.00 0.10 ? 18 DG  B H8     1 
ATOM   567 H H1     . DG  B 2 7  ? 4.582   3.463   -0.506  1.00 0.12 ? 18 DG  B H1     1 
ATOM   568 H H21    . DG  B 2 7  ? 5.638   2.456   1.168   1.00 0.13 ? 18 DG  B H21    1 
ATOM   569 H H22    . DG  B 2 7  ? 5.724   3.145   2.772   1.00 0.13 ? 18 DG  B H22    1 
ATOM   570 P P      . DT  B 2 8  ? 5.288   10.062  6.051   1.00 0.10 ? 19 DT  B P      1 
ATOM   571 O OP1    . DT  B 2 8  ? 5.819   10.581  7.332   1.00 1.38 ? 19 DT  B OP1    1 
ATOM   572 O OP2    . DT  B 2 8  ? 5.237   10.947  4.865   1.00 1.18 ? 19 DT  B OP2    1 
ATOM   573 O "O5'"  . DT  B 2 8  ? 6.126   8.741   5.660   1.00 0.08 ? 19 DT  B "O5'"  1 
ATOM   574 C "C5'"  . DT  B 2 8  ? 6.251   7.657   6.590   1.00 0.07 ? 19 DT  B "C5'"  1 
ATOM   575 C "C4'"  . DT  B 2 8  ? 7.276   6.623   6.126   1.00 0.06 ? 19 DT  B "C4'"  1 
ATOM   576 O "O4'"  . DT  B 2 8  ? 6.922   6.099   4.820   1.00 0.06 ? 19 DT  B "O4'"  1 
ATOM   577 C "C3'"  . DT  B 2 8  ? 8.667   7.238   6.015   1.00 0.07 ? 19 DT  B "C3'"  1 
ATOM   578 O "O3'"  . DT  B 2 8  ? 9.644   6.393   6.638   1.00 0.06 ? 19 DT  B "O3'"  1 
ATOM   579 C "C2'"  . DT  B 2 8  ? 8.908   7.357   4.534   1.00 0.08 ? 19 DT  B "C2'"  1 
ATOM   580 C "C1'"  . DT  B 2 8  ? 8.024   6.294   3.907   1.00 0.07 ? 19 DT  B "C1'"  1 
ATOM   581 N N1     . DT  B 2 8  ? 7.529   6.687   2.567   1.00 0.08 ? 19 DT  B N1     1 
ATOM   582 C C2     . DT  B 2 8  ? 7.568   5.736   1.562   1.00 0.08 ? 19 DT  B C2     1 
ATOM   583 O O2     . DT  B 2 8  ? 8.013   4.605   1.740   1.00 0.08 ? 19 DT  B O2     1 
ATOM   584 N N3     . DT  B 2 8  ? 7.080   6.135   0.332   1.00 0.09 ? 19 DT  B N3     1 
ATOM   585 C C4     . DT  B 2 8  ? 6.568   7.380   0.022   1.00 0.10 ? 19 DT  B C4     1 
ATOM   586 O O4     . DT  B 2 8  ? 6.149   7.619   -1.108  1.00 0.11 ? 19 DT  B O4     1 
ATOM   587 C C5     . DT  B 2 8  ? 6.574   8.308   1.130   1.00 0.11 ? 19 DT  B C5     1 
ATOM   588 C C7     . DT  B 2 8  ? 6.018   9.714   0.939   1.00 0.12 ? 19 DT  B C7     1 
ATOM   589 C C6     . DT  B 2 8  ? 7.039   7.941   2.339   1.00 0.10 ? 19 DT  B C6     1 
ATOM   590 H "H5'"  . DT  B 2 8  ? 5.281   7.171   6.697   1.00 0.07 ? 19 DT  B "H5'"  1 
ATOM   591 H "H5''" . DT  B 2 8  ? 6.558   8.053   7.558   1.00 0.07 ? 19 DT  B "H5''" 1 
ATOM   592 H "H4'"  . DT  B 2 8  ? 7.303   5.801   6.840   1.00 0.05 ? 19 DT  B "H4'"  1 
ATOM   593 H "H3'"  . DT  B 2 8  ? 8.675   8.228   6.479   1.00 0.08 ? 19 DT  B "H3'"  1 
ATOM   594 H "H2'"  . DT  B 2 8  ? 8.622   8.348   4.191   1.00 0.10 ? 19 DT  B "H2'"  1 
ATOM   595 H "H2''" . DT  B 2 8  ? 9.950   7.169   4.298   1.00 0.09 ? 19 DT  B "H2''" 1 
ATOM   596 H "H1'"  . DT  B 2 8  ? 8.587   5.367   3.824   1.00 0.07 ? 19 DT  B "H1'"  1 
ATOM   597 H H3     . DT  B 2 8  ? 7.102   5.451   -0.410  1.00 0.10 ? 19 DT  B H3     1 
ATOM   598 H H71    . DT  B 2 8  ? 5.948   10.022  -0.067  1.00 0.89 ? 19 DT  B H71    1 
ATOM   599 H H72    . DT  B 2 8  ? 6.340   10.408  1.652   1.00 0.71 ? 19 DT  B H72    1 
ATOM   600 H H73    . DT  B 2 8  ? 5.236   9.696   1.130   1.00 1.06 ? 19 DT  B H73    1 
ATOM   601 H H6     . DT  B 2 8  ? 7.016   8.654   3.154   1.00 0.10 ? 19 DT  B H6     1 
ATOM   602 P P      . DC  B 2 9  ? 11.205  6.802   6.665   1.00 0.00 ? 20 DC  B P      1 
ATOM   603 O OP1    . DC  B 2 9  ? 11.738  6.500   8.012   1.00 1.27 ? 20 DC  B OP1    1 
ATOM   604 O OP2    . DC  B 2 9  ? 11.342  8.166   6.106   1.00 1.29 ? 20 DC  B OP2    1 
ATOM   605 O "O5'"  . DC  B 2 9  ? 11.853  5.762   5.620   1.00 0.06 ? 20 DC  B "O5'"  1 
ATOM   606 C "C5'"  . DC  B 2 9  ? 11.957  4.373   5.947   1.00 0.10 ? 20 DC  B "C5'"  1 
ATOM   607 C "C4'"  . DC  B 2 9  ? 12.494  3.557   4.778   1.00 0.16 ? 20 DC  B "C4'"  1 
ATOM   608 O "O4'"  . DC  B 2 9  ? 11.738  3.835   3.572   1.00 0.18 ? 20 DC  B "O4'"  1 
ATOM   609 C "C3'"  . DC  B 2 9  ? 13.945  3.917   4.505   1.00 0.19 ? 20 DC  B "C3'"  1 
ATOM   610 O "O3'"  . DC  B 2 9  ? 14.719  2.741   4.223   1.00 0.26 ? 20 DC  B "O3'"  1 
ATOM   611 C "C2'"  . DC  B 2 9  ? 13.867  4.818   3.313   1.00 0.19 ? 20 DC  B "C2'"  1 
ATOM   612 C "C1'"  . DC  B 2 9  ? 12.629  4.368   2.571   1.00 0.19 ? 20 DC  B "C1'"  1 
ATOM   613 N N1     . DC  B 2 9  ? 11.998  5.479   1.826   1.00 0.16 ? 20 DC  B N1     1 
ATOM   614 C C2     . DC  B 2 9  ? 11.857  5.328   0.453   1.00 0.20 ? 20 DC  B C2     1 
ATOM   615 O O2     . DC  B 2 9  ? 12.258  4.305   -0.101  1.00 0.25 ? 20 DC  B O2     1 
ATOM   616 N N3     . DC  B 2 9  ? 11.270  6.335   -0.250  1.00 0.18 ? 20 DC  B N3     1 
ATOM   617 C C4     . DC  B 2 9  ? 10.840  7.445   0.364   1.00 0.12 ? 20 DC  B C4     1 
ATOM   618 N N4     . DC  B 2 9  ? 10.271  8.412   -0.356  1.00 0.11 ? 20 DC  B N4     1 
ATOM   619 C C5     . DC  B 2 9  ? 10.984  7.605   1.779   1.00 0.09 ? 20 DC  B C5     1 
ATOM   620 C C6     . DC  B 2 9  ? 11.565  6.603   2.466   1.00 0.11 ? 20 DC  B C6     1 
ATOM   621 H "H5'"  . DC  B 2 9  ? 10.972  3.996   6.223   1.00 0.10 ? 20 DC  B "H5'"  1 
ATOM   622 H "H5''" . DC  B 2 9  ? 12.633  4.263   6.791   1.00 0.09 ? 20 DC  B "H5''" 1 
ATOM   623 H "H4'"  . DC  B 2 9  ? 12.425  2.500   5.009   1.00 0.19 ? 20 DC  B "H4'"  1 
ATOM   624 H "H3'"  . DC  B 2 9  ? 14.365  4.457   5.357   1.00 0.18 ? 20 DC  B "H3'"  1 
ATOM   625 H "H2'"  . DC  B 2 9  ? 13.747  5.841   3.654   1.00 0.15 ? 20 DC  B "H2'"  1 
ATOM   626 H "H2''" . DC  B 2 9  ? 14.751  4.721   2.691   1.00 0.23 ? 20 DC  B "H2''" 1 
ATOM   627 H "H1'"  . DC  B 2 9  ? 12.899  3.576   1.874   1.00 0.24 ? 20 DC  B "H1'"  1 
ATOM   628 H H41    . DC  B 2 9  ? 10.167  8.305   -1.355  1.00 0.13 ? 20 DC  B H41    1 
ATOM   629 H H42    . DC  B 2 9  ? 9.945   9.253   0.098   1.00 0.08 ? 20 DC  B H42    1 
ATOM   630 H H5     . DC  B 2 9  ? 10.637  8.507   2.282   1.00 0.05 ? 20 DC  B H5     1 
ATOM   631 H H6     . DC  B 2 9  ? 11.691  6.692   3.545   1.00 0.08 ? 20 DC  B H6     1 
ATOM   632 P P      . DC  B 2 10 ? 16.291  2.836   3.869   1.00 0.32 ? 21 DC  B P      1 
ATOM   633 O OP1    . DC  B 2 10 ? 16.978  1.695   4.515   1.00 1.11 ? 21 DC  B OP1    1 
ATOM   634 O OP2    . DC  B 2 10 ? 16.748  4.218   4.138   1.00 1.50 ? 21 DC  B OP2    1 
ATOM   635 O "O5'"  . DC  B 2 10 ? 16.310  2.601   2.274   1.00 0.35 ? 21 DC  B "O5'"  1 
ATOM   636 C "C5'"  . DC  B 2 10 ? 16.043  1.306   1.720   1.00 0.37 ? 21 DC  B "C5'"  1 
ATOM   637 C "C4'"  . DC  B 2 10 ? 16.439  1.230   0.245   1.00 0.36 ? 21 DC  B "C4'"  1 
ATOM   638 O "O4'"  . DC  B 2 10 ? 15.614  2.115   -0.544  1.00 0.34 ? 21 DC  B "O4'"  1 
ATOM   639 C "C3'"  . DC  B 2 10 ? 17.890  1.651   0.052   1.00 0.36 ? 21 DC  B "C3'"  1 
ATOM   640 O "O3'"  . DC  B 2 10 ? 18.579  0.729   -0.803  1.00 0.35 ? 21 DC  B "O3'"  1 
ATOM   641 C "C2'"  . DC  B 2 10 ? 17.802  3.020   -0.564  1.00 0.35 ? 21 DC  B "C2'"  1 
ATOM   642 C "C1'"  . DC  B 2 10 ? 16.444  3.062   -1.243  1.00 0.33 ? 21 DC  B "C1'"  1 
ATOM   643 N N1     . DC  B 2 10 ? 15.838  4.406   -1.150  1.00 0.30 ? 21 DC  B N1     1 
ATOM   644 C C2     . DC  B 2 10 ? 15.292  4.971   -2.298  1.00 0.27 ? 21 DC  B C2     1 
ATOM   645 O O2     . DC  B 2 10 ? 15.330  4.372   -3.371  1.00 0.28 ? 21 DC  B O2     1 
ATOM   646 N N3     . DC  B 2 10 ? 14.715  6.202   -2.192  1.00 0.23 ? 21 DC  B N3     1 
ATOM   647 C C4     . DC  B 2 10 ? 14.675  6.846   -1.017  1.00 0.22 ? 21 DC  B C4     1 
ATOM   648 N N4     . DC  B 2 10 ? 14.105  8.050   -0.947  1.00 0.18 ? 21 DC  B N4     1 
ATOM   649 C C5     . DC  B 2 10 ? 15.236  6.263   0.160   1.00 0.25 ? 21 DC  B C5     1 
ATOM   650 C C6     . DC  B 2 10 ? 15.803  5.051   0.046   1.00 0.29 ? 21 DC  B C6     1 
ATOM   651 H "H5'"  . DC  B 2 10 ? 14.978  1.099   1.809   1.00 0.37 ? 21 DC  B "H5'"  1 
ATOM   652 H "H5''" . DC  B 2 10 ? 16.601  0.556   2.279   1.00 0.39 ? 21 DC  B "H5''" 1 
ATOM   653 H "H4'"  . DC  B 2 10 ? 16.310  0.214   -0.117  1.00 0.37 ? 21 DC  B "H4'"  1 
ATOM   654 H "H3'"  . DC  B 2 10 ? 18.389  1.711   1.023   1.00 0.36 ? 21 DC  B "H3'"  1 
ATOM   655 H "H2'"  . DC  B 2 10 ? 17.864  3.779   0.213   1.00 0.33 ? 21 DC  B "H2'"  1 
ATOM   656 H "H2''" . DC  B 2 10 ? 18.592  3.163   -1.293  1.00 0.36 ? 21 DC  B "H2''" 1 
ATOM   657 H "H1'"  . DC  B 2 10 ? 16.543  2.765   -2.285  1.00 0.34 ? 21 DC  B "H1'"  1 
ATOM   658 H H41    . DC  B 2 10 ? 13.708  8.471   -1.775  1.00 1.00 ? 21 DC  B H41    1 
ATOM   659 H H42    . DC  B 2 10 ? 14.074  8.543   -0.067  1.00 0.76 ? 21 DC  B H42    1 
ATOM   660 H H5     . DC  B 2 10 ? 15.202  6.780   1.118   1.00 0.24 ? 21 DC  B H5     1 
ATOM   661 H H6     . DC  B 2 10 ? 16.244  4.575   0.921   1.00 0.31 ? 21 DC  B H6     1 
ATOM   662 P P      . DG  B 2 11 ? 20.102  0.998   -1.253  1.00 0.34 ? 22 DG  B P      1 
ATOM   663 O OP1    . DG  B 2 11 ? 20.691  -0.287  -1.691  1.00 1.59 ? 22 DG  B OP1    1 
ATOM   664 O OP2    . DG  B 2 11 ? 20.770  1.793   -0.197  1.00 0.91 ? 22 DG  B OP2    1 
ATOM   665 O "O5'"  . DG  B 2 11 ? 19.914  1.935   -2.548  1.00 0.47 ? 22 DG  B "O5'"  1 
ATOM   666 C "C5'"  . DG  B 2 11 ? 19.329  1.405   -3.741  1.00 0.36 ? 22 DG  B "C5'"  1 
ATOM   667 C "C4'"  . DG  B 2 11 ? 19.413  2.390   -4.902  1.00 0.55 ? 22 DG  B "C4'"  1 
ATOM   668 O "O4'"  . DG  B 2 11 ? 18.415  3.425   -4.769  1.00 0.49 ? 22 DG  B "O4'"  1 
ATOM   669 C "C3'"  . DG  B 2 11 ? 20.782  3.056   -4.950  1.00 0.74 ? 22 DG  B "C3'"  1 
ATOM   670 O "O3'"  . DG  B 2 11 ? 21.388  2.884   -6.235  1.00 0.99 ? 22 DG  B "O3'"  1 
ATOM   671 C "C2'"  . DG  B 2 11 ? 20.509  4.508   -4.674  1.00 0.65 ? 22 DG  B "C2'"  1 
ATOM   672 C "C1'"  . DG  B 2 11 ? 19.037  4.701   -4.969  1.00 0.56 ? 22 DG  B "C1'"  1 
ATOM   673 N N9     . DG  B 2 11 ? 18.457  5.727   -4.097  1.00 0.48 ? 22 DG  B N9     1 
ATOM   674 C C8     . DG  B 2 11 ? 18.630  5.910   -2.775  1.00 0.50 ? 22 DG  B C8     1 
ATOM   675 N N7     . DG  B 2 11 ? 18.011  6.897   -2.217  1.00 0.42 ? 22 DG  B N7     1 
ATOM   676 C C5     . DG  B 2 11 ? 17.329  7.451   -3.306  1.00 0.33 ? 22 DG  B C5     1 
ATOM   677 C C6     . DG  B 2 11 ? 16.460  8.573   -3.362  1.00 0.23 ? 22 DG  B C6     1 
ATOM   678 O O6     . DG  B 2 11 ? 16.110  9.315   -2.447  1.00 0.23 ? 22 DG  B O6     1 
ATOM   679 N N1     . DG  B 2 11 ? 15.989  8.788   -4.652  1.00 0.15 ? 22 DG  B N1     1 
ATOM   680 C C2     . DG  B 2 11 ? 16.312  8.022   -5.755  1.00 0.21 ? 22 DG  B C2     1 
ATOM   681 N N2     . DG  B 2 11 ? 15.759  8.387   -6.912  1.00 0.18 ? 22 DG  B N2     1 
ATOM   682 N N3     . DG  B 2 11 ? 17.128  6.966   -5.710  1.00 0.32 ? 22 DG  B N3     1 
ATOM   683 C C4     . DG  B 2 11 ? 17.598  6.738   -4.463  1.00 0.36 ? 22 DG  B C4     1 
ATOM   684 H "H5'"  . DG  B 2 11 ? 18.282  1.180   -3.548  1.00 0.83 ? 22 DG  B "H5'"  1 
ATOM   685 H "H5''" . DG  B 2 11 ? 19.850  0.487   -4.015  1.00 0.60 ? 22 DG  B "H5''" 1 
ATOM   686 H "H4'"  . DG  B 2 11 ? 19.249  1.862   -5.835  1.00 0.67 ? 22 DG  B "H4'"  1 
ATOM   687 H "H3'"  . DG  B 2 11 ? 21.422  2.642   -4.171  1.00 0.81 ? 22 DG  B "H3'"  1 
ATOM   688 H "HO3'" . DG  B 2 11 ? 21.476  1.941   -6.385  1.00 1.06 ? 22 DG  B "HO3'" 1 
ATOM   689 H "H2'"  . DG  B 2 11 ? 20.711  4.726   -3.625  1.00 0.65 ? 22 DG  B "H2'"  1 
ATOM   690 H "H2''" . DG  B 2 11 ? 21.110  5.146   -5.308  1.00 0.68 ? 22 DG  B "H2''" 1 
ATOM   691 H "H1'"  . DG  B 2 11 ? 18.915  4.992   -6.008  1.00 0.66 ? 22 DG  B "H1'"  1 
ATOM   692 H H8     . DG  B 2 11 ? 19.279  5.247   -2.207  1.00 0.59 ? 22 DG  B H8     1 
ATOM   693 H H1     . DG  B 2 11 ? 15.363  9.573   -4.769  1.00 0.08 ? 22 DG  B H1     1 
ATOM   694 H H21    . DG  B 2 11 ? 15.141  9.185   -6.947  1.00 0.12 ? 22 DG  B H21    1 
ATOM   695 H H22    . DG  B 2 11 ? 15.957  7.865   -7.753  1.00 0.25 ? 22 DG  B H22    1 
HETATM 696 C C4C    . TBT C 3 .  ? 0.027   -2.053  -0.300  1.00 0.18 ? 25 TBT A C4C    1 
HETATM 697 C C9C    . TBT C 3 .  ? -0.722  -3.231  -0.981  1.00 0.19 ? 25 TBT A C9C    1 
HETATM 698 O O3     . TBT C 3 .  ? 0.224   -4.222  -1.388  1.00 0.20 ? 25 TBT A O3     1 
HETATM 699 C C8B    . TBT C 3 .  ? -1.570  -2.809  -2.184  1.00 0.19 ? 25 TBT A C8B    1 
HETATM 700 O O2     . TBT C 3 .  ? -2.047  -3.965  -2.878  1.00 0.20 ? 25 TBT A O2     1 
HETATM 701 C C3B    . TBT C 3 .  ? -0.756  -1.938  -3.119  1.00 0.18 ? 25 TBT A C3B    1 
HETATM 702 O O1     . TBT C 3 .  ? -1.469  -1.672  -4.331  1.00 0.18 ? 25 TBT A O1     1 
HETATM 703 C C3A    . TBT C 3 .  ? -0.487  -0.657  -2.390  1.00 0.17 ? 25 TBT A C3A    1 
HETATM 704 C C2A    . TBT C 3 .  ? -0.263  4.243   -2.227  1.00 0.15 ? 25 TBT A C2A    1 
HETATM 705 C C4A    . TBT C 3 .  ? -0.112  -0.721  -1.029  1.00 0.17 ? 25 TBT A C4A    1 
HETATM 706 C C1A    . TBT C 3 .  ? -0.501  3.053   -2.950  1.00 0.16 ? 25 TBT A C1A    1 
HETATM 707 C C5A    . TBT C 3 .  ? 0.143   0.469   -0.313  1.00 0.17 ? 25 TBT A C5A    1 
HETATM 708 C C4B    . TBT C 3 .  ? 0.019   1.728   -0.947  1.00 0.16 ? 25 TBT A C4B    1 
HETATM 709 C C6A    . TBT C 3 .  ? 0.340   5.375   -0.146  1.00 0.15 ? 25 TBT A C6A    1 
HETATM 710 C C7A    . TBT C 3 .  ? 0.708   5.320   1.215   1.00 0.15 ? 25 TBT A C7A    1 
HETATM 711 C C8A    . TBT C 3 .  ? 0.854   4.076   1.864   1.00 0.15 ? 25 TBT A C8A    1 
HETATM 712 C C5B    . TBT C 3 .  ? 0.116   4.182   -0.866  1.00 0.15 ? 25 TBT A C5B    1 
HETATM 713 C C9B    . TBT C 3 .  ? 0.261   2.925   -0.221  1.00 0.16 ? 25 TBT A C9B    1 
HETATM 714 C C11    . TBT C 3 .  ? -0.363  1.795   -2.314  1.00 0.16 ? 25 TBT A C11    1 
HETATM 715 C C9A    . TBT C 3 .  ? 0.631   2.878   1.151   1.00 0.16 ? 25 TBT A C9A    1 
HETATM 716 C C10    . TBT C 3 .  ? -0.614  0.605   -3.038  1.00 0.17 ? 25 TBT A C10    1 
HETATM 717 H H4C1   . TBT C 3 .  ? 1.087   -2.302  -0.239  1.00 0.20 ? 25 TBT A H4C1   1 
HETATM 718 H H9C    . TBT C 3 .  ? -1.384  -3.682  -0.244  1.00 0.19 ? 25 TBT A H9C    1 
HETATM 719 H H3     . TBT C 3 .  ? 0.812   -4.368  -0.644  1.00 0.20 ? 25 TBT A H3     1 
HETATM 720 H H8B    . TBT C 3 .  ? -2.428  -2.237  -1.827  1.00 0.19 ? 25 TBT A H8B    1 
HETATM 721 H HO2    . TBT C 3 .  ? -1.424  -4.676  -2.710  1.00 0.20 ? 25 TBT A HO2    1 
HETATM 722 H H3B    . TBT C 3 .  ? 0.189   -2.443  -3.348  1.00 0.18 ? 25 TBT A H3B    1 
HETATM 723 H H1     . TBT C 3 .  ? -1.989  -2.453  -4.533  1.00 0.22 ? 25 TBT A H1     1 
HETATM 724 H H2A    . TBT C 3 .  ? -0.371  5.201   -2.713  1.00 0.15 ? 25 TBT A H2A    1 
HETATM 725 H H1A    . TBT C 3 .  ? -0.787  3.106   -3.988  1.00 0.16 ? 25 TBT A H1A    1 
HETATM 726 H H5A    . TBT C 3 .  ? 0.436   0.411   0.723   1.00 0.17 ? 25 TBT A H5A    1 
HETATM 727 H H6A    . TBT C 3 .  ? 0.226   6.330   -0.634  1.00 0.14 ? 25 TBT A H6A    1 
HETATM 728 H H7A    . TBT C 3 .  ? 0.889   6.231   1.756   1.00 0.14 ? 25 TBT A H7A    1 
HETATM 729 H H8A    . TBT C 3 .  ? 1.133   4.040   2.907   1.00 0.15 ? 25 TBT A H8A    1 
HETATM 730 H H9A    . TBT C 3 .  ? 0.744   1.929   1.652   1.00 0.16 ? 25 TBT A H9A    1 
HETATM 731 H H10    . TBT C 3 .  ? -0.905  0.662   -4.079  1.00 0.17 ? 25 TBT A H10    1 
# 
